data_2DGD
#
_entry.id   2DGD
#
_cell.length_a   131.221
_cell.length_b   131.221
_cell.length_c   125.896
_cell.angle_alpha   90.00
_cell.angle_beta   90.00
_cell.angle_gamma   120.00
#
_symmetry.space_group_name_H-M   'P 31 2 1'
#
loop_
_entity.id
_entity.type
_entity.pdbx_description
1 polymer '223aa long hypothetical arylmalonate decarboxylase'
2 non-polymer GLYCEROL
3 water water
#
_entity_poly.entity_id   1
_entity_poly.type   'polypeptide(L)'
_entity_poly.pdbx_seq_one_letter_code
;(MSE)PGGRGRIGVILPANNAG(MSE)EYDLWK(MSE)APEGVSIHSTR(MSE)KPTKGCEPENVEEFEKELKYSYSLLA
EVSDIIIYGRTYGTHKHAHVIKRVIKDVVIPEESVYELLKKLNVRKLWIGTPYIKERTLEEVEWWRNKGFEIVGYDGLGK
IRGIDISNTPIFTIYRLVKRHLNEVLKADAVYIACTALSTYEAVQYLHEDLD(MSE)PVVSENAAA(MSE)WEALNKLKI
KAKLPGF
;
_entity_poly.pdbx_strand_id   A,B,C,D
#
loop_
_chem_comp.id
_chem_comp.type
_chem_comp.name
_chem_comp.formula
GOL non-polymer GLYCEROL 'C3 H8 O3'
#
# COMPACT_ATOMS: atom_id res chain seq x y z
N PRO A 2 -7.28 3.40 -6.88
CA PRO A 2 -7.75 4.02 -5.62
C PRO A 2 -6.91 5.20 -5.21
N GLY A 3 -7.37 6.40 -5.55
CA GLY A 3 -6.63 7.60 -5.18
C GLY A 3 -6.87 7.88 -3.70
N GLY A 4 -6.31 7.04 -2.85
CA GLY A 4 -6.47 7.21 -1.41
C GLY A 4 -5.98 8.56 -0.94
N ARG A 5 -5.06 9.13 -1.70
CA ARG A 5 -4.49 10.44 -1.39
C ARG A 5 -5.33 11.55 -2.04
N GLY A 6 -5.98 11.21 -3.15
CA GLY A 6 -6.79 12.19 -3.84
C GLY A 6 -7.19 11.72 -5.22
N ARG A 7 -8.34 12.19 -5.68
CA ARG A 7 -8.85 11.83 -6.99
C ARG A 7 -9.20 13.10 -7.76
N ILE A 8 -8.55 13.28 -8.91
CA ILE A 8 -8.78 14.46 -9.72
C ILE A 8 -9.56 14.13 -10.98
N GLY A 9 -10.72 14.76 -11.12
CA GLY A 9 -11.54 14.54 -12.29
C GLY A 9 -11.17 15.56 -13.35
N VAL A 10 -11.27 15.19 -14.61
CA VAL A 10 -10.95 16.12 -15.67
C VAL A 10 -11.91 15.99 -16.86
N ILE A 11 -12.48 17.12 -17.27
CA ILE A 11 -13.38 17.14 -18.41
C ILE A 11 -12.55 17.68 -19.57
N LEU A 12 -12.44 16.90 -20.65
CA LEU A 12 -11.65 17.37 -21.78
C LEU A 12 -12.27 17.09 -23.14
N PRO A 13 -11.79 17.79 -24.18
CA PRO A 13 -12.31 17.59 -25.53
C PRO A 13 -12.01 16.19 -26.05
N ALA A 14 -12.95 15.65 -26.83
CA ALA A 14 -12.81 14.31 -27.37
C ALA A 14 -11.44 13.98 -27.94
N ASN A 15 -10.91 14.87 -28.76
CA ASN A 15 -9.62 14.62 -29.41
C ASN A 15 -8.36 15.09 -28.72
N ASN A 16 -8.45 15.35 -27.42
CA ASN A 16 -7.27 15.77 -26.67
C ASN A 16 -6.56 14.50 -26.21
N ALA A 17 -5.35 14.27 -26.70
CA ALA A 17 -4.62 13.07 -26.31
C ALA A 17 -3.36 13.37 -25.50
N GLY A 18 -3.17 14.62 -25.13
CA GLY A 18 -1.99 14.96 -24.37
C GLY A 18 -2.17 15.26 -22.89
N MSE A 19 -3.33 15.80 -22.52
CA MSE A 19 -3.58 16.16 -21.14
C MSE A 19 -3.63 15.01 -20.14
O MSE A 19 -3.10 15.10 -19.04
CB MSE A 19 -4.86 17.00 -21.02
CG MSE A 19 -5.19 17.38 -19.58
SE MSE A 19 -6.49 18.78 -19.40
CE MSE A 19 -5.45 19.98 -18.29
N GLU A 20 -4.28 13.91 -20.51
CA GLU A 20 -4.38 12.78 -19.61
C GLU A 20 -3.00 12.24 -19.27
N TYR A 21 -2.13 12.19 -20.28
CA TYR A 21 -0.77 11.70 -20.07
C TYR A 21 -0.02 12.63 -19.10
N ASP A 22 -0.05 13.93 -19.37
CA ASP A 22 0.62 14.91 -18.52
C ASP A 22 0.14 14.80 -17.07
N LEU A 23 -1.19 14.80 -16.90
CA LEU A 23 -1.79 14.70 -15.58
C LEU A 23 -1.33 13.49 -14.77
N TRP A 24 -1.28 12.32 -15.40
CA TRP A 24 -0.84 11.12 -14.70
C TRP A 24 0.64 11.18 -14.36
N LYS A 25 1.44 11.69 -15.28
CA LYS A 25 2.86 11.81 -15.04
C LYS A 25 3.13 12.74 -13.86
N MSE A 26 2.28 13.74 -13.68
CA MSE A 26 2.43 14.70 -12.59
C MSE A 26 1.76 14.24 -11.30
O MSE A 26 2.09 14.72 -10.22
CB MSE A 26 1.85 16.05 -13.00
CG MSE A 26 2.46 16.61 -14.27
SE MSE A 26 1.71 18.32 -14.78
CE MSE A 26 0.17 17.72 -15.75
N ALA A 27 0.83 13.31 -11.42
CA ALA A 27 0.12 12.82 -10.25
C ALA A 27 1.05 12.17 -9.24
N PRO A 28 1.08 12.69 -8.01
CA PRO A 28 1.96 12.10 -6.99
C PRO A 28 1.36 10.77 -6.55
N GLU A 29 2.13 9.99 -5.81
CA GLU A 29 1.66 8.67 -5.36
C GLU A 29 0.39 8.69 -4.53
N GLY A 30 -0.60 7.90 -4.92
CA GLY A 30 -1.83 7.85 -4.19
C GLY A 30 -2.90 8.72 -4.83
N VAL A 31 -2.52 9.40 -5.91
CA VAL A 31 -3.44 10.27 -6.61
C VAL A 31 -3.78 9.63 -7.95
N SER A 32 -5.05 9.69 -8.32
CA SER A 32 -5.48 9.14 -9.60
C SER A 32 -6.29 10.17 -10.38
N ILE A 33 -6.25 10.04 -11.70
CA ILE A 33 -6.93 10.94 -12.61
C ILE A 33 -8.12 10.25 -13.26
N HIS A 34 -9.27 10.92 -13.29
CA HIS A 34 -10.48 10.34 -13.88
C HIS A 34 -11.07 11.32 -14.86
N SER A 35 -11.22 10.90 -16.12
CA SER A 35 -11.73 11.81 -17.12
C SER A 35 -13.00 11.38 -17.87
N THR A 36 -13.60 12.34 -18.54
CA THR A 36 -14.78 12.12 -19.35
C THR A 36 -14.68 13.16 -20.46
N ARG A 37 -15.12 12.80 -21.65
CA ARG A 37 -15.02 13.70 -22.80
C ARG A 37 -16.28 14.45 -23.20
N MSE A 38 -16.09 15.52 -23.96
CA MSE A 38 -17.20 16.32 -24.44
C MSE A 38 -17.12 16.46 -25.95
O MSE A 38 -16.05 16.53 -26.55
CB MSE A 38 -17.20 17.70 -23.80
CG MSE A 38 -17.63 17.69 -22.35
SE MSE A 38 -18.05 19.47 -21.70
CE MSE A 38 -19.95 19.43 -21.94
N LYS A 39 -18.30 16.49 -26.56
CA LYS A 39 -18.46 16.63 -28.01
C LYS A 39 -17.56 17.73 -28.55
N PRO A 40 -16.81 17.45 -29.64
CA PRO A 40 -15.93 18.47 -30.22
C PRO A 40 -16.82 19.57 -30.80
N THR A 41 -16.42 20.82 -30.60
CA THR A 41 -17.23 21.94 -31.07
C THR A 41 -16.63 22.80 -32.18
N LYS A 42 -17.51 23.46 -32.93
CA LYS A 42 -17.13 24.32 -34.04
C LYS A 42 -16.32 25.55 -33.58
N GLY A 43 -16.99 26.46 -32.89
CA GLY A 43 -16.33 27.67 -32.43
C GLY A 43 -15.46 27.47 -31.20
N CYS A 44 -15.05 28.59 -30.59
CA CYS A 44 -14.23 28.55 -29.39
C CYS A 44 -15.05 29.10 -28.22
N GLU A 45 -16.35 29.30 -28.48
CA GLU A 45 -17.28 29.80 -27.48
C GLU A 45 -18.66 29.25 -27.86
N PRO A 46 -19.48 28.90 -26.86
CA PRO A 46 -20.82 28.36 -27.12
C PRO A 46 -21.84 29.37 -27.63
N GLU A 47 -22.53 29.03 -28.72
CA GLU A 47 -23.54 29.92 -29.28
C GLU A 47 -24.86 29.73 -28.54
N ASN A 48 -25.05 28.54 -27.99
CA ASN A 48 -26.26 28.28 -27.22
C ASN A 48 -25.81 28.05 -25.77
N VAL A 49 -25.98 29.06 -24.92
CA VAL A 49 -25.57 28.95 -23.53
C VAL A 49 -26.29 27.86 -22.74
N GLU A 50 -27.61 27.77 -22.90
CA GLU A 50 -28.36 26.74 -22.17
C GLU A 50 -27.91 25.35 -22.63
N GLU A 51 -27.60 25.23 -23.91
CA GLU A 51 -27.14 23.97 -24.48
C GLU A 51 -25.83 23.58 -23.81
N PHE A 52 -24.90 24.53 -23.80
CA PHE A 52 -23.59 24.34 -23.18
C PHE A 52 -23.78 23.94 -21.73
N GLU A 53 -24.46 24.78 -20.96
CA GLU A 53 -24.69 24.51 -19.55
C GLU A 53 -25.32 23.14 -19.28
N LYS A 54 -26.19 22.69 -20.16
CA LYS A 54 -26.84 21.40 -19.97
C LYS A 54 -25.85 20.27 -20.17
N GLU A 55 -25.03 20.37 -21.22
CA GLU A 55 -24.03 19.35 -21.50
C GLU A 55 -22.93 19.37 -20.45
N LEU A 56 -22.59 20.57 -19.99
CA LEU A 56 -21.57 20.74 -18.98
C LEU A 56 -22.02 20.08 -17.69
N LYS A 57 -23.27 20.31 -17.31
CA LYS A 57 -23.81 19.73 -16.09
C LYS A 57 -23.82 18.21 -16.18
N TYR A 58 -24.11 17.68 -17.37
CA TYR A 58 -24.15 16.24 -17.57
C TYR A 58 -22.79 15.60 -17.37
N SER A 59 -21.78 16.13 -18.05
CA SER A 59 -20.43 15.61 -17.92
C SER A 59 -19.98 15.70 -16.47
N TYR A 60 -20.28 16.83 -15.84
CA TYR A 60 -19.93 17.02 -14.45
C TYR A 60 -20.56 15.92 -13.61
N SER A 61 -21.81 15.60 -13.88
CA SER A 61 -22.50 14.57 -13.11
C SER A 61 -21.83 13.21 -13.24
N LEU A 62 -21.07 13.01 -14.30
CA LEU A 62 -20.38 11.74 -14.51
C LEU A 62 -19.09 11.66 -13.71
N LEU A 63 -18.59 12.80 -13.26
CA LEU A 63 -17.33 12.88 -12.51
C LEU A 63 -17.51 13.29 -11.05
N ALA A 64 -18.66 13.87 -10.73
CA ALA A 64 -18.97 14.35 -9.38
C ALA A 64 -18.69 13.41 -8.22
N GLU A 65 -19.02 12.14 -8.38
CA GLU A 65 -18.83 11.20 -7.30
C GLU A 65 -17.41 10.61 -7.13
N VAL A 66 -16.66 10.48 -8.21
CA VAL A 66 -15.30 9.93 -8.10
C VAL A 66 -14.25 11.01 -7.91
N SER A 67 -14.65 12.27 -8.08
CA SER A 67 -13.70 13.37 -7.98
C SER A 67 -13.67 14.14 -6.66
N ASP A 68 -12.47 14.56 -6.28
CA ASP A 68 -12.28 15.36 -5.08
C ASP A 68 -12.29 16.81 -5.56
N ILE A 69 -11.91 16.99 -6.82
CA ILE A 69 -11.89 18.29 -7.45
C ILE A 69 -11.93 18.02 -8.95
N ILE A 70 -12.39 18.98 -9.74
CA ILE A 70 -12.49 18.79 -11.17
C ILE A 70 -11.79 19.87 -11.97
N ILE A 71 -11.12 19.46 -13.04
CA ILE A 71 -10.40 20.38 -13.91
C ILE A 71 -11.16 20.45 -15.23
N TYR A 72 -11.44 21.67 -15.68
CA TYR A 72 -12.13 21.86 -16.95
C TYR A 72 -11.01 22.02 -17.98
N GLY A 73 -10.65 20.93 -18.64
CA GLY A 73 -9.55 20.95 -19.58
C GLY A 73 -9.82 21.40 -21.00
N ARG A 74 -10.62 22.45 -21.17
CA ARG A 74 -10.91 22.96 -22.50
C ARG A 74 -10.69 24.45 -22.47
N THR A 75 -10.65 25.07 -23.64
CA THR A 75 -10.47 26.52 -23.71
C THR A 75 -11.85 27.04 -24.08
N TYR A 76 -12.62 26.15 -24.69
CA TYR A 76 -13.98 26.45 -25.13
C TYR A 76 -14.85 26.96 -23.98
N GLY A 77 -15.41 28.15 -24.17
CA GLY A 77 -16.28 28.74 -23.16
C GLY A 77 -15.59 29.39 -21.98
N THR A 78 -14.26 29.34 -21.94
CA THR A 78 -13.54 29.92 -20.82
C THR A 78 -13.31 31.42 -20.90
N HIS A 79 -13.26 31.95 -22.12
CA HIS A 79 -13.04 33.38 -22.31
C HIS A 79 -14.26 34.25 -22.02
N LYS A 80 -15.43 33.86 -22.52
CA LYS A 80 -16.64 34.63 -22.30
C LYS A 80 -17.68 34.02 -21.38
N HIS A 81 -17.57 32.72 -21.11
CA HIS A 81 -18.56 32.08 -20.23
C HIS A 81 -18.00 31.36 -19.01
N ALA A 82 -16.84 31.81 -18.53
CA ALA A 82 -16.22 31.20 -17.37
C ALA A 82 -17.20 31.12 -16.20
N HIS A 83 -18.03 32.14 -16.06
CA HIS A 83 -19.02 32.19 -14.98
C HIS A 83 -20.02 31.05 -15.04
N VAL A 84 -20.33 30.60 -16.25
CA VAL A 84 -21.27 29.50 -16.43
C VAL A 84 -20.65 28.22 -15.89
N ILE A 85 -19.37 28.02 -16.22
CA ILE A 85 -18.62 26.86 -15.80
C ILE A 85 -18.49 26.83 -14.27
N LYS A 86 -18.09 27.95 -13.69
CA LYS A 86 -17.93 28.06 -12.24
C LYS A 86 -19.27 27.79 -11.55
N ARG A 87 -20.35 28.19 -12.20
CA ARG A 87 -21.70 28.01 -11.67
C ARG A 87 -22.08 26.54 -11.58
N VAL A 88 -21.86 25.82 -12.68
CA VAL A 88 -22.18 24.40 -12.74
C VAL A 88 -21.24 23.56 -11.90
N ILE A 89 -19.95 23.85 -11.99
CA ILE A 89 -18.94 23.07 -11.26
C ILE A 89 -18.27 23.86 -10.14
N LYS A 90 -18.73 23.62 -8.91
CA LYS A 90 -18.19 24.29 -7.74
C LYS A 90 -16.72 23.95 -7.54
N ASP A 91 -15.90 24.99 -7.37
CA ASP A 91 -14.46 24.85 -7.17
C ASP A 91 -13.71 24.29 -8.37
N VAL A 92 -14.32 24.36 -9.54
CA VAL A 92 -13.71 23.87 -10.77
C VAL A 92 -12.38 24.58 -11.00
N VAL A 93 -11.44 23.87 -11.61
CA VAL A 93 -10.14 24.45 -11.91
C VAL A 93 -10.10 24.74 -13.41
N ILE A 94 -9.93 26.01 -13.75
CA ILE A 94 -9.85 26.41 -15.15
C ILE A 94 -8.37 26.68 -15.42
N PRO A 95 -7.71 25.75 -16.14
CA PRO A 95 -6.29 25.89 -16.46
C PRO A 95 -5.80 27.29 -16.84
N GLU A 96 -6.56 27.98 -17.70
CA GLU A 96 -6.17 29.32 -18.12
C GLU A 96 -6.06 30.28 -16.93
N GLU A 97 -6.98 30.18 -15.99
CA GLU A 97 -6.97 31.02 -14.81
C GLU A 97 -5.85 30.60 -13.86
N SER A 98 -5.50 29.31 -13.90
CA SER A 98 -4.43 28.78 -13.05
C SER A 98 -3.11 29.38 -13.51
N VAL A 99 -2.94 29.46 -14.82
CA VAL A 99 -1.74 30.04 -15.41
C VAL A 99 -1.57 31.46 -14.91
N TYR A 100 -2.66 32.22 -14.92
CA TYR A 100 -2.63 33.59 -14.46
C TYR A 100 -2.19 33.71 -13.02
N GLU A 101 -2.79 32.93 -12.13
CA GLU A 101 -2.42 32.97 -10.73
C GLU A 101 -0.98 32.54 -10.52
N LEU A 102 -0.56 31.50 -11.23
CA LEU A 102 0.81 31.01 -11.11
C LEU A 102 1.83 32.06 -11.57
N LEU A 103 1.57 32.68 -12.72
CA LEU A 103 2.47 33.71 -13.23
C LEU A 103 2.53 34.89 -12.27
N LYS A 104 1.37 35.24 -11.71
CA LYS A 104 1.32 36.35 -10.78
C LYS A 104 2.12 35.99 -9.54
N LYS A 105 1.88 34.81 -9.00
CA LYS A 105 2.62 34.38 -7.82
C LYS A 105 4.11 34.35 -8.09
N LEU A 106 4.47 34.21 -9.36
CA LEU A 106 5.89 34.18 -9.74
C LEU A 106 6.43 35.56 -10.09
N ASN A 107 5.63 36.59 -9.82
CA ASN A 107 6.01 37.98 -10.12
C ASN A 107 6.44 38.13 -11.56
N VAL A 108 5.60 37.70 -12.49
CA VAL A 108 5.92 37.79 -13.90
C VAL A 108 5.30 39.00 -14.58
N ARG A 109 6.13 39.82 -15.20
CA ARG A 109 5.65 40.99 -15.92
C ARG A 109 5.87 40.85 -17.42
N LYS A 110 7.06 40.37 -17.80
CA LYS A 110 7.37 40.16 -19.21
C LYS A 110 7.13 38.68 -19.55
N LEU A 111 6.41 38.44 -20.63
CA LEU A 111 6.07 37.07 -21.00
C LEU A 111 6.31 36.73 -22.47
N TRP A 112 6.77 35.50 -22.73
CA TRP A 112 6.96 35.01 -24.08
C TRP A 112 5.92 33.91 -24.22
N ILE A 113 5.14 33.93 -25.29
CA ILE A 113 4.08 32.95 -25.47
C ILE A 113 4.23 31.97 -26.64
N GLY A 114 4.19 30.68 -26.33
CA GLY A 114 4.29 29.67 -27.36
C GLY A 114 2.94 28.98 -27.48
N THR A 115 2.49 28.71 -28.70
CA THR A 115 1.20 28.05 -28.90
C THR A 115 1.28 27.03 -30.03
N PRO A 116 0.24 26.20 -30.18
CA PRO A 116 0.27 25.20 -31.25
C PRO A 116 -0.59 25.68 -32.42
N TYR A 117 -1.24 26.83 -32.24
CA TYR A 117 -2.14 27.41 -33.23
C TYR A 117 -1.51 28.10 -34.43
N ILE A 118 -2.36 28.60 -35.31
CA ILE A 118 -1.95 29.31 -36.50
C ILE A 118 -2.03 30.81 -36.25
N LYS A 119 -1.20 31.57 -36.97
CA LYS A 119 -1.10 33.03 -36.84
C LYS A 119 -2.27 33.77 -36.19
N GLU A 120 -3.43 33.69 -36.81
CA GLU A 120 -4.63 34.37 -36.33
C GLU A 120 -4.92 34.06 -34.88
N ARG A 121 -5.14 32.80 -34.56
CA ARG A 121 -5.45 32.42 -33.19
C ARG A 121 -4.33 32.75 -32.21
N THR A 122 -3.08 32.59 -32.63
CA THR A 122 -1.95 32.90 -31.75
C THR A 122 -2.00 34.39 -31.43
N LEU A 123 -2.45 35.17 -32.39
CA LEU A 123 -2.54 36.61 -32.22
C LEU A 123 -3.61 36.95 -31.18
N GLU A 124 -4.68 36.16 -31.14
CA GLU A 124 -5.76 36.40 -30.18
C GLU A 124 -5.31 36.04 -28.77
N GLU A 125 -4.46 35.02 -28.66
CA GLU A 125 -3.96 34.56 -27.37
C GLU A 125 -3.01 35.60 -26.81
N VAL A 126 -2.19 36.18 -27.67
CA VAL A 126 -1.25 37.22 -27.30
C VAL A 126 -2.03 38.39 -26.72
N GLU A 127 -3.05 38.82 -27.43
CA GLU A 127 -3.88 39.95 -26.99
C GLU A 127 -4.60 39.64 -25.68
N TRP A 128 -4.98 38.38 -25.50
CA TRP A 128 -5.68 37.98 -24.30
C TRP A 128 -4.80 38.10 -23.07
N TRP A 129 -3.52 37.80 -23.21
CA TRP A 129 -2.62 37.88 -22.07
C TRP A 129 -2.12 39.29 -21.79
N ARG A 130 -2.03 40.09 -22.84
CA ARG A 130 -1.56 41.46 -22.70
C ARG A 130 -2.59 42.24 -21.90
N ASN A 131 -3.88 42.03 -22.21
CA ASN A 131 -4.96 42.73 -21.53
C ASN A 131 -5.04 42.32 -20.06
N LYS A 132 -4.39 41.21 -19.73
CA LYS A 132 -4.38 40.73 -18.35
C LYS A 132 -3.24 41.40 -17.59
N GLY A 133 -2.49 42.26 -18.27
CA GLY A 133 -1.40 42.95 -17.61
C GLY A 133 -0.01 42.41 -17.83
N PHE A 134 0.26 41.82 -18.99
CA PHE A 134 1.58 41.29 -19.27
C PHE A 134 2.20 41.96 -20.49
N GLU A 135 3.50 42.18 -20.43
CA GLU A 135 4.20 42.75 -21.58
C GLU A 135 4.65 41.52 -22.34
N ILE A 136 4.20 41.39 -23.59
CA ILE A 136 4.54 40.25 -24.38
C ILE A 136 5.73 40.47 -25.29
N VAL A 137 6.91 40.10 -24.78
CA VAL A 137 8.16 40.26 -25.49
C VAL A 137 8.33 39.41 -26.75
N GLY A 138 7.41 38.49 -27.01
CA GLY A 138 7.52 37.67 -28.20
C GLY A 138 6.59 36.48 -28.20
N TYR A 139 6.41 35.86 -29.36
CA TYR A 139 5.54 34.71 -29.48
C TYR A 139 5.68 33.97 -30.81
N ASP A 140 5.09 32.77 -30.87
CA ASP A 140 5.13 31.95 -32.08
C ASP A 140 4.17 30.77 -31.87
N GLY A 141 3.78 30.12 -32.97
CA GLY A 141 2.87 29.00 -32.87
C GLY A 141 3.28 27.87 -33.82
N LEU A 142 2.77 26.67 -33.58
CA LEU A 142 3.10 25.53 -34.43
C LEU A 142 2.25 25.51 -35.69
N GLY A 143 1.24 26.38 -35.73
CA GLY A 143 0.37 26.46 -36.88
C GLY A 143 -0.43 25.21 -37.16
N LYS A 144 -1.04 24.64 -36.12
CA LYS A 144 -1.85 23.43 -36.28
C LYS A 144 -3.30 23.78 -36.04
N ILE A 145 -4.21 22.90 -36.47
CA ILE A 145 -5.64 23.15 -36.30
C ILE A 145 -6.35 22.03 -35.55
N ARG A 146 -6.13 20.80 -35.99
CA ARG A 146 -6.77 19.64 -35.38
C ARG A 146 -6.12 19.24 -34.06
N GLY A 147 -6.96 19.01 -33.05
CA GLY A 147 -6.47 18.64 -31.74
C GLY A 147 -5.60 17.40 -31.71
N ILE A 148 -5.97 16.38 -32.48
CA ILE A 148 -5.19 15.16 -32.50
C ILE A 148 -3.78 15.46 -33.03
N ASP A 149 -3.71 16.35 -34.01
CA ASP A 149 -2.45 16.74 -34.60
C ASP A 149 -1.63 17.46 -33.54
N ILE A 150 -2.30 18.35 -32.81
CA ILE A 150 -1.65 19.10 -31.74
C ILE A 150 -1.09 18.14 -30.70
N SER A 151 -1.91 17.17 -30.30
CA SER A 151 -1.52 16.18 -29.30
C SER A 151 -0.28 15.38 -29.74
N ASN A 152 -0.17 15.14 -31.04
CA ASN A 152 0.95 14.39 -31.55
C ASN A 152 2.28 15.12 -31.54
N THR A 153 2.29 16.38 -31.13
CA THR A 153 3.53 17.16 -31.13
C THR A 153 4.61 16.57 -30.22
N PRO A 154 5.78 16.25 -30.79
CA PRO A 154 6.93 15.68 -30.10
C PRO A 154 7.54 16.64 -29.07
N ILE A 155 8.13 16.07 -28.02
CA ILE A 155 8.75 16.84 -26.97
C ILE A 155 9.63 17.96 -27.50
N PHE A 156 10.62 17.61 -28.31
CA PHE A 156 11.53 18.61 -28.83
C PHE A 156 10.98 19.54 -29.90
N THR A 157 9.83 19.22 -30.45
CA THR A 157 9.24 20.11 -31.43
C THR A 157 8.71 21.29 -30.61
N ILE A 158 8.19 20.97 -29.42
CA ILE A 158 7.68 21.99 -28.51
C ILE A 158 8.87 22.75 -27.97
N TYR A 159 9.96 22.04 -27.73
CA TYR A 159 11.16 22.66 -27.22
C TYR A 159 11.72 23.68 -28.21
N ARG A 160 11.84 23.30 -29.47
CA ARG A 160 12.40 24.21 -30.46
C ARG A 160 11.44 25.34 -30.81
N LEU A 161 10.14 25.11 -30.61
CA LEU A 161 9.14 26.14 -30.87
C LEU A 161 9.53 27.39 -30.09
N VAL A 162 10.07 27.19 -28.90
CA VAL A 162 10.50 28.29 -28.03
C VAL A 162 11.97 28.67 -28.27
N LYS A 163 12.86 27.69 -28.18
CA LYS A 163 14.30 27.90 -28.34
C LYS A 163 14.68 28.67 -29.59
N ARG A 164 13.91 28.48 -30.66
CA ARG A 164 14.17 29.13 -31.93
C ARG A 164 14.15 30.66 -31.80
N HIS A 165 13.52 31.15 -30.73
CA HIS A 165 13.44 32.60 -30.50
C HIS A 165 14.19 32.98 -29.23
N LEU A 166 15.29 32.28 -28.98
CA LEU A 166 16.12 32.51 -27.80
C LEU A 166 16.30 33.98 -27.44
N ASN A 167 16.74 34.77 -28.41
CA ASN A 167 16.99 36.19 -28.22
C ASN A 167 15.87 36.95 -27.50
N GLU A 168 14.62 36.71 -27.90
CA GLU A 168 13.49 37.38 -27.27
C GLU A 168 13.12 36.70 -25.96
N VAL A 169 13.02 35.36 -26.01
CA VAL A 169 12.66 34.59 -24.83
C VAL A 169 13.44 35.02 -23.61
N LEU A 170 14.74 35.29 -23.81
CA LEU A 170 15.61 35.70 -22.71
C LEU A 170 15.25 37.06 -22.16
N LYS A 171 14.36 37.76 -22.84
CA LYS A 171 13.93 39.07 -22.38
C LYS A 171 12.71 38.96 -21.48
N ALA A 172 12.10 37.77 -21.43
CA ALA A 172 10.92 37.56 -20.62
C ALA A 172 11.24 37.10 -19.21
N ASP A 173 10.23 37.14 -18.33
CA ASP A 173 10.40 36.70 -16.96
C ASP A 173 10.00 35.25 -16.89
N ALA A 174 9.25 34.80 -17.90
CA ALA A 174 8.78 33.43 -17.96
C ALA A 174 8.21 33.15 -19.33
N VAL A 175 8.05 31.88 -19.64
CA VAL A 175 7.48 31.44 -20.90
C VAL A 175 6.17 30.73 -20.59
N TYR A 176 5.19 30.89 -21.48
CA TYR A 176 3.91 30.24 -21.30
C TYR A 176 3.59 29.45 -22.55
N ILE A 177 3.23 28.18 -22.40
CA ILE A 177 2.89 27.35 -23.54
C ILE A 177 1.41 27.00 -23.45
N ALA A 178 0.61 27.57 -24.35
CA ALA A 178 -0.83 27.37 -24.36
C ALA A 178 -1.35 26.03 -24.91
N CYS A 179 -2.58 25.71 -24.54
CA CYS A 179 -3.31 24.51 -24.95
C CYS A 179 -2.98 23.24 -24.16
N THR A 180 -4.03 22.61 -23.64
CA THR A 180 -3.89 21.40 -22.85
C THR A 180 -3.73 20.16 -23.70
N ALA A 181 -3.86 20.30 -25.02
CA ALA A 181 -3.71 19.16 -25.93
C ALA A 181 -2.22 18.78 -26.08
N LEU A 182 -1.34 19.73 -25.82
CA LEU A 182 0.09 19.49 -25.90
C LEU A 182 0.57 18.77 -24.65
N SER A 183 1.36 17.72 -24.84
CA SER A 183 1.92 17.00 -23.70
C SER A 183 3.24 17.72 -23.43
N THR A 184 3.24 18.55 -22.39
CA THR A 184 4.41 19.34 -22.05
C THR A 184 5.22 18.87 -20.85
N TYR A 185 4.85 17.74 -20.26
CA TYR A 185 5.56 17.23 -19.10
C TYR A 185 7.09 17.27 -19.21
N GLU A 186 7.63 16.78 -20.31
CA GLU A 186 9.09 16.77 -20.50
C GLU A 186 9.62 18.08 -21.06
N ALA A 187 9.06 18.50 -22.20
CA ALA A 187 9.48 19.74 -22.87
C ALA A 187 9.69 20.88 -21.88
N VAL A 188 8.71 21.12 -21.04
CA VAL A 188 8.77 22.18 -20.06
C VAL A 188 9.97 22.05 -19.10
N GLN A 189 10.38 20.83 -18.78
CA GLN A 189 11.52 20.63 -17.87
C GLN A 189 12.82 21.02 -18.55
N TYR A 190 12.97 20.61 -19.81
CA TYR A 190 14.16 20.93 -20.57
C TYR A 190 14.26 22.44 -20.71
N LEU A 191 13.16 23.07 -21.15
CA LEU A 191 13.16 24.51 -21.31
C LEU A 191 13.51 25.22 -20.01
N HIS A 192 12.86 24.82 -18.92
CA HIS A 192 13.11 25.45 -17.62
C HIS A 192 14.58 25.39 -17.21
N GLU A 193 15.20 24.24 -17.41
CA GLU A 193 16.60 24.08 -17.07
C GLU A 193 17.48 24.95 -17.94
N ASP A 194 17.25 24.89 -19.24
CA ASP A 194 18.05 25.63 -20.20
C ASP A 194 17.89 27.15 -20.17
N LEU A 195 16.65 27.62 -20.08
CA LEU A 195 16.39 29.05 -20.06
C LEU A 195 16.57 29.69 -18.69
N ASP A 196 16.63 28.86 -17.66
CA ASP A 196 16.77 29.35 -16.29
C ASP A 196 15.68 30.35 -15.92
N MSE A 197 14.44 30.00 -16.19
CA MSE A 197 13.30 30.85 -15.86
C MSE A 197 12.08 29.94 -15.84
O MSE A 197 12.08 28.88 -16.46
CB MSE A 197 13.11 31.94 -16.89
CG MSE A 197 12.81 31.42 -18.30
SE MSE A 197 12.27 32.80 -19.55
CE MSE A 197 14.06 33.42 -20.04
N PRO A 198 11.02 30.35 -15.15
CA PRO A 198 9.85 29.47 -15.15
C PRO A 198 9.24 29.29 -16.54
N VAL A 199 8.94 28.06 -16.89
CA VAL A 199 8.32 27.74 -18.17
C VAL A 199 7.00 27.09 -17.78
N VAL A 200 5.91 27.83 -17.93
CA VAL A 200 4.59 27.36 -17.54
C VAL A 200 3.69 26.83 -18.65
N SER A 201 3.33 25.56 -18.56
CA SER A 201 2.44 24.97 -19.56
C SER A 201 1.06 24.97 -18.93
N GLU A 202 0.04 24.93 -19.77
CA GLU A 202 -1.32 24.97 -19.26
C GLU A 202 -1.63 23.77 -18.38
N ASN A 203 -1.14 22.59 -18.75
CA ASN A 203 -1.39 21.41 -17.96
C ASN A 203 -0.72 21.47 -16.59
N ALA A 204 0.53 21.93 -16.56
CA ALA A 204 1.25 22.02 -15.29
C ALA A 204 0.56 23.02 -14.35
N ALA A 205 0.10 24.14 -14.92
CA ALA A 205 -0.58 25.16 -14.14
C ALA A 205 -1.86 24.58 -13.55
N ALA A 206 -2.59 23.81 -14.36
CA ALA A 206 -3.82 23.21 -13.89
C ALA A 206 -3.57 22.29 -12.69
N MSE A 207 -2.56 21.43 -12.79
CA MSE A 207 -2.23 20.51 -11.70
C MSE A 207 -1.77 21.26 -10.46
O MSE A 207 -2.08 20.87 -9.34
CB MSE A 207 -1.14 19.53 -12.14
CG MSE A 207 -1.69 18.21 -12.58
SE MSE A 207 -2.65 17.29 -11.16
CE MSE A 207 -1.33 15.92 -10.76
N TRP A 208 -1.03 22.34 -10.68
CA TRP A 208 -0.54 23.17 -9.59
C TRP A 208 -1.72 23.64 -8.75
N GLU A 209 -2.73 24.22 -9.40
CA GLU A 209 -3.91 24.73 -8.71
C GLU A 209 -4.70 23.63 -8.04
N ALA A 210 -4.94 22.53 -8.76
CA ALA A 210 -5.70 21.42 -8.22
C ALA A 210 -5.02 20.82 -6.98
N LEU A 211 -3.74 20.55 -7.10
CA LEU A 211 -2.97 19.96 -6.00
C LEU A 211 -2.92 20.88 -4.79
N ASN A 212 -2.98 22.18 -5.02
CA ASN A 212 -2.95 23.16 -3.95
C ASN A 212 -4.26 23.15 -3.20
N LYS A 213 -5.36 23.14 -3.94
CA LYS A 213 -6.67 23.13 -3.32
C LYS A 213 -6.87 21.86 -2.52
N LEU A 214 -6.41 20.73 -3.05
CA LEU A 214 -6.55 19.46 -2.33
C LEU A 214 -5.53 19.32 -1.21
N LYS A 215 -4.46 20.10 -1.29
CA LYS A 215 -3.37 20.09 -0.32
C LYS A 215 -2.58 18.80 -0.40
N ILE A 216 -1.97 18.57 -1.55
CA ILE A 216 -1.17 17.38 -1.78
C ILE A 216 0.21 17.87 -2.27
N LYS A 217 1.26 17.55 -1.53
CA LYS A 217 2.60 17.95 -1.90
C LYS A 217 2.96 17.37 -3.27
N ALA A 218 3.64 18.16 -4.10
CA ALA A 218 4.02 17.69 -5.41
C ALA A 218 4.99 18.64 -6.11
N LYS A 219 5.88 18.07 -6.93
CA LYS A 219 6.83 18.85 -7.68
C LYS A 219 6.46 18.88 -9.16
N LEU A 220 5.74 19.91 -9.57
CA LEU A 220 5.34 20.04 -10.96
C LEU A 220 6.57 20.47 -11.75
N PRO A 221 6.55 20.25 -13.07
CA PRO A 221 7.67 20.60 -13.96
C PRO A 221 7.68 22.02 -14.54
N GLY A 222 8.88 22.54 -14.75
CA GLY A 222 9.03 23.85 -15.34
C GLY A 222 9.08 25.08 -14.45
N PHE A 223 8.84 24.94 -13.15
CA PHE A 223 8.88 26.11 -12.27
C PHE A 223 9.04 25.74 -10.81
N PRO B 2 1.44 12.08 -25.82
CA PRO B 2 1.47 11.22 -27.02
C PRO B 2 1.66 9.78 -26.60
N GLY B 3 1.06 8.88 -27.36
CA GLY B 3 1.17 7.47 -27.08
C GLY B 3 1.64 6.88 -28.39
N GLY B 4 2.87 7.23 -28.75
CA GLY B 4 3.46 6.78 -30.00
C GLY B 4 3.45 5.28 -30.16
N ARG B 5 3.50 4.56 -29.05
CA ARG B 5 3.51 3.11 -29.13
C ARG B 5 2.09 2.58 -29.26
N GLY B 6 1.13 3.32 -28.73
CA GLY B 6 -0.25 2.90 -28.80
C GLY B 6 -1.15 3.69 -27.86
N ARG B 7 -2.41 3.84 -28.26
CA ARG B 7 -3.38 4.58 -27.45
C ARG B 7 -4.60 3.72 -27.24
N ILE B 8 -4.92 3.45 -25.97
CA ILE B 8 -6.06 2.63 -25.65
C ILE B 8 -7.20 3.44 -25.07
N GLY B 9 -8.34 3.40 -25.74
CA GLY B 9 -9.50 4.13 -25.26
C GLY B 9 -10.32 3.23 -24.36
N VAL B 10 -10.96 3.79 -23.35
CA VAL B 10 -11.77 2.98 -22.46
C VAL B 10 -13.08 3.68 -22.08
N ILE B 11 -14.19 2.96 -22.25
CA ILE B 11 -15.50 3.49 -21.88
C ILE B 11 -15.86 2.84 -20.55
N LEU B 12 -16.08 3.66 -19.52
CA LEU B 12 -16.40 3.08 -18.22
C LEU B 12 -17.51 3.81 -17.49
N PRO B 13 -18.09 3.15 -16.47
CA PRO B 13 -19.17 3.76 -15.68
C PRO B 13 -18.66 4.97 -14.90
N ALA B 14 -19.52 5.97 -14.76
CA ALA B 14 -19.19 7.19 -14.05
C ALA B 14 -18.46 7.01 -12.74
N ASN B 15 -18.96 6.11 -11.90
CA ASN B 15 -18.36 5.88 -10.59
C ASN B 15 -17.28 4.82 -10.46
N ASN B 16 -16.67 4.43 -11.57
CA ASN B 16 -15.61 3.44 -11.52
C ASN B 16 -14.32 4.21 -11.29
N ALA B 17 -13.67 3.97 -10.15
CA ALA B 17 -12.43 4.69 -9.85
C ALA B 17 -11.22 3.76 -9.80
N GLY B 18 -11.41 2.50 -10.16
CA GLY B 18 -10.30 1.56 -10.12
C GLY B 18 -9.68 1.15 -11.44
N MSE B 19 -10.46 1.06 -12.51
CA MSE B 19 -9.93 0.62 -13.79
C MSE B 19 -8.92 1.55 -14.47
O MSE B 19 -7.97 1.08 -15.11
CB MSE B 19 -11.05 0.31 -14.77
CG MSE B 19 -10.50 -0.16 -16.11
SE MSE B 19 -11.82 -0.84 -17.34
CE MSE B 19 -12.96 0.70 -17.39
N GLU B 20 -9.12 2.85 -14.35
CA GLU B 20 -8.17 3.79 -14.98
C GLU B 20 -6.80 3.64 -14.33
N TYR B 21 -6.78 3.49 -13.01
CA TYR B 21 -5.52 3.31 -12.30
C TYR B 21 -4.83 2.01 -12.76
N ASP B 22 -5.56 0.90 -12.75
CA ASP B 22 -5.01 -0.38 -13.17
C ASP B 22 -4.45 -0.31 -14.58
N LEU B 23 -5.26 0.19 -15.51
CA LEU B 23 -4.84 0.33 -16.89
C LEU B 23 -3.53 1.11 -17.07
N TRP B 24 -3.39 2.24 -16.39
CA TRP B 24 -2.15 3.02 -16.50
C TRP B 24 -0.95 2.29 -15.90
N LYS B 25 -1.14 1.61 -14.77
CA LYS B 25 -0.05 0.88 -14.15
C LYS B 25 0.44 -0.20 -15.11
N MSE B 26 -0.50 -0.82 -15.81
CA MSE B 26 -0.18 -1.89 -16.75
C MSE B 26 0.30 -1.40 -18.09
O MSE B 26 0.94 -2.14 -18.83
CB MSE B 26 -1.41 -2.78 -16.97
CG MSE B 26 -1.98 -3.35 -15.70
SE MSE B 26 -3.51 -4.49 -16.03
CE MSE B 26 -4.91 -3.16 -16.02
N ALA B 27 0.00 -0.15 -18.42
CA ALA B 27 0.41 0.43 -19.69
C ALA B 27 1.92 0.45 -19.84
N PRO B 28 2.45 -0.21 -20.88
CA PRO B 28 3.90 -0.20 -21.08
C PRO B 28 4.32 1.18 -21.60
N GLU B 29 5.61 1.46 -21.60
CA GLU B 29 6.11 2.74 -22.05
C GLU B 29 5.73 3.11 -23.47
N GLY B 30 5.17 4.30 -23.64
CA GLY B 30 4.77 4.76 -24.95
C GLY B 30 3.30 4.52 -25.21
N VAL B 31 2.64 3.91 -24.23
CA VAL B 31 1.22 3.64 -24.32
C VAL B 31 0.48 4.56 -23.38
N SER B 32 -0.64 5.10 -23.83
CA SER B 32 -1.46 5.97 -22.99
C SER B 32 -2.91 5.51 -23.01
N ILE B 33 -3.62 5.81 -21.92
CA ILE B 33 -5.01 5.44 -21.74
C ILE B 33 -5.91 6.67 -21.82
N HIS B 34 -6.99 6.56 -22.58
CA HIS B 34 -7.94 7.68 -22.76
C HIS B 34 -9.35 7.18 -22.48
N SER B 35 -10.02 7.84 -21.54
CA SER B 35 -11.35 7.40 -21.16
C SER B 35 -12.45 8.43 -21.24
N THR B 36 -13.68 7.91 -21.23
CA THR B 36 -14.87 8.73 -21.25
C THR B 36 -15.90 7.93 -20.46
N ARG B 37 -16.76 8.63 -19.73
CA ARG B 37 -17.75 7.95 -18.89
C ARG B 37 -19.16 7.90 -19.44
N MSE B 38 -19.94 6.97 -18.87
CA MSE B 38 -21.32 6.79 -19.26
C MSE B 38 -22.23 6.87 -18.04
O MSE B 38 -21.88 6.45 -16.94
CB MSE B 38 -21.53 5.45 -19.96
CG MSE B 38 -20.95 5.41 -21.36
SE MSE B 38 -21.59 3.89 -22.38
CE MSE B 38 -23.04 4.77 -23.31
N LYS B 39 -23.41 7.43 -18.27
CA LYS B 39 -24.43 7.60 -17.25
C LYS B 39 -24.61 6.32 -16.43
N PRO B 40 -24.62 6.44 -15.08
CA PRO B 40 -24.79 5.23 -14.25
C PRO B 40 -26.20 4.71 -14.48
N THR B 41 -26.35 3.40 -14.57
CA THR B 41 -27.66 2.80 -14.83
C THR B 41 -28.27 1.96 -13.72
N LYS B 42 -29.60 1.86 -13.75
CA LYS B 42 -30.35 1.10 -12.77
C LYS B 42 -30.06 -0.40 -12.84
N GLY B 43 -30.50 -1.05 -13.92
CA GLY B 43 -30.28 -2.47 -14.06
C GLY B 43 -28.87 -2.86 -14.48
N CYS B 44 -28.71 -4.12 -14.88
CA CYS B 44 -27.41 -4.62 -15.33
C CYS B 44 -27.51 -4.93 -16.82
N GLU B 45 -28.63 -4.54 -17.41
CA GLU B 45 -28.87 -4.76 -18.82
C GLU B 45 -29.76 -3.62 -19.30
N PRO B 46 -29.54 -3.13 -20.53
CA PRO B 46 -30.37 -2.03 -21.04
C PRO B 46 -31.83 -2.41 -21.29
N GLU B 47 -32.75 -1.55 -20.85
CA GLU B 47 -34.18 -1.78 -21.04
C GLU B 47 -34.62 -1.31 -22.42
N ASN B 48 -33.98 -0.22 -22.86
CA ASN B 48 -34.26 0.35 -24.16
C ASN B 48 -33.00 0.14 -25.01
N VAL B 49 -33.05 -0.82 -25.93
CA VAL B 49 -31.88 -1.10 -26.76
C VAL B 49 -31.46 0.06 -27.66
N GLU B 50 -32.40 0.72 -28.31
CA GLU B 50 -32.05 1.84 -29.19
C GLU B 50 -31.42 2.95 -28.36
N GLU B 51 -31.92 3.14 -27.14
CA GLU B 51 -31.40 4.16 -26.23
C GLU B 51 -29.94 3.85 -25.93
N PHE B 52 -29.70 2.61 -25.52
CA PHE B 52 -28.36 2.13 -25.21
C PHE B 52 -27.45 2.35 -26.41
N GLU B 53 -27.82 1.76 -27.54
CA GLU B 53 -27.02 1.87 -28.76
C GLU B 53 -26.73 3.32 -29.15
N LYS B 54 -27.67 4.22 -28.92
CA LYS B 54 -27.45 5.62 -29.27
C LYS B 54 -26.39 6.24 -28.36
N GLU B 55 -26.50 5.97 -27.06
CA GLU B 55 -25.54 6.51 -26.09
C GLU B 55 -24.18 5.85 -26.28
N LEU B 56 -24.20 4.58 -26.61
CA LEU B 56 -22.96 3.84 -26.83
C LEU B 56 -22.22 4.40 -28.02
N LYS B 57 -22.95 4.68 -29.09
CA LYS B 57 -22.34 5.23 -30.30
C LYS B 57 -21.76 6.61 -30.00
N TYR B 58 -22.44 7.39 -29.17
CA TYR B 58 -21.98 8.74 -28.83
C TYR B 58 -20.65 8.69 -28.10
N SER B 59 -20.58 7.91 -27.02
CA SER B 59 -19.36 7.79 -26.24
C SER B 59 -18.25 7.29 -27.13
N TYR B 60 -18.57 6.32 -27.97
CA TYR B 60 -17.59 5.77 -28.89
C TYR B 60 -17.04 6.88 -29.79
N SER B 61 -17.92 7.76 -30.26
CA SER B 61 -17.50 8.84 -31.14
C SER B 61 -16.54 9.79 -30.44
N LEU B 62 -16.57 9.82 -29.11
CA LEU B 62 -15.69 10.70 -28.36
C LEU B 62 -14.28 10.10 -28.20
N LEU B 63 -14.16 8.80 -28.44
CA LEU B 63 -12.88 8.09 -28.29
C LEU B 63 -12.30 7.58 -29.61
N ALA B 64 -13.14 7.50 -30.64
CA ALA B 64 -12.77 6.98 -31.95
C ALA B 64 -11.48 7.52 -32.57
N GLU B 65 -11.24 8.82 -32.46
CA GLU B 65 -10.06 9.45 -33.04
C GLU B 65 -8.75 9.34 -32.26
N VAL B 66 -8.83 9.28 -30.94
CA VAL B 66 -7.61 9.17 -30.14
C VAL B 66 -7.26 7.72 -29.83
N SER B 67 -8.18 6.80 -30.12
CA SER B 67 -7.95 5.39 -29.80
C SER B 67 -7.47 4.51 -30.93
N ASP B 68 -6.59 3.56 -30.58
CA ASP B 68 -6.09 2.59 -31.53
C ASP B 68 -6.99 1.36 -31.38
N ILE B 69 -7.56 1.23 -30.17
CA ILE B 69 -8.49 0.16 -29.85
C ILE B 69 -9.29 0.65 -28.65
N ILE B 70 -10.48 0.11 -28.44
CA ILE B 70 -11.31 0.55 -27.33
C ILE B 70 -11.76 -0.58 -26.43
N ILE B 71 -11.75 -0.32 -25.13
CA ILE B 71 -12.17 -1.32 -24.14
C ILE B 71 -13.50 -0.87 -23.57
N TYR B 72 -14.47 -1.77 -23.55
CA TYR B 72 -15.78 -1.46 -22.98
C TYR B 72 -15.69 -1.91 -21.52
N GLY B 73 -15.35 -0.99 -20.63
CA GLY B 73 -15.18 -1.33 -19.23
C GLY B 73 -16.40 -1.40 -18.33
N ARG B 74 -17.48 -1.97 -18.83
CA ARG B 74 -18.70 -2.09 -18.03
C ARG B 74 -19.18 -3.53 -18.14
N THR B 75 -20.09 -3.91 -17.26
CA THR B 75 -20.64 -5.27 -17.31
C THR B 75 -22.01 -5.10 -17.91
N TYR B 76 -22.53 -3.89 -17.76
CA TYR B 76 -23.84 -3.52 -18.27
C TYR B 76 -23.97 -3.78 -19.76
N GLY B 77 -24.97 -4.58 -20.12
CA GLY B 77 -25.23 -4.90 -21.51
C GLY B 77 -24.34 -5.94 -22.15
N THR B 78 -23.38 -6.48 -21.38
CA THR B 78 -22.46 -7.47 -21.92
C THR B 78 -22.99 -8.89 -21.92
N HIS B 79 -23.90 -9.20 -21.00
CA HIS B 79 -24.47 -10.55 -20.93
C HIS B 79 -25.50 -10.85 -22.01
N LYS B 80 -26.44 -9.93 -22.25
CA LYS B 80 -27.47 -10.14 -23.25
C LYS B 80 -27.37 -9.29 -24.52
N HIS B 81 -26.57 -8.23 -24.49
CA HIS B 81 -26.46 -7.37 -25.67
C HIS B 81 -25.05 -7.15 -26.19
N ALA B 82 -24.17 -8.10 -25.94
CA ALA B 82 -22.79 -8.01 -26.41
C ALA B 82 -22.75 -7.71 -27.90
N HIS B 83 -23.66 -8.30 -28.66
CA HIS B 83 -23.72 -8.10 -30.10
C HIS B 83 -23.95 -6.64 -30.49
N VAL B 84 -24.70 -5.91 -29.65
CA VAL B 84 -24.98 -4.50 -29.92
C VAL B 84 -23.68 -3.71 -29.80
N ILE B 85 -22.93 -4.01 -28.75
CA ILE B 85 -21.65 -3.36 -28.47
C ILE B 85 -20.65 -3.64 -29.59
N LYS B 86 -20.52 -4.90 -29.97
CA LYS B 86 -19.59 -5.27 -31.04
C LYS B 86 -19.99 -4.57 -32.33
N ARG B 87 -21.29 -4.40 -32.52
CA ARG B 87 -21.82 -3.75 -33.72
C ARG B 87 -21.42 -2.28 -33.81
N VAL B 88 -21.59 -1.56 -32.71
CA VAL B 88 -21.25 -0.14 -32.65
C VAL B 88 -19.75 0.08 -32.63
N ILE B 89 -19.04 -0.69 -31.83
CA ILE B 89 -17.59 -0.55 -31.70
C ILE B 89 -16.80 -1.70 -32.31
N LYS B 90 -16.28 -1.48 -33.51
CA LYS B 90 -15.50 -2.49 -34.21
C LYS B 90 -14.23 -2.84 -33.44
N ASP B 91 -14.01 -4.14 -33.25
CA ASP B 91 -12.85 -4.66 -32.53
C ASP B 91 -12.80 -4.30 -31.06
N VAL B 92 -13.95 -3.91 -30.51
CA VAL B 92 -14.05 -3.55 -29.11
C VAL B 92 -13.58 -4.70 -28.22
N VAL B 93 -12.99 -4.37 -27.09
CA VAL B 93 -12.53 -5.38 -26.15
C VAL B 93 -13.52 -5.42 -24.98
N ILE B 94 -14.14 -6.58 -24.79
CA ILE B 94 -15.08 -6.76 -23.70
C ILE B 94 -14.36 -7.58 -22.64
N PRO B 95 -13.94 -6.93 -21.55
CA PRO B 95 -13.21 -7.60 -20.46
C PRO B 95 -13.70 -8.99 -20.07
N GLU B 96 -15.01 -9.16 -19.94
CA GLU B 96 -15.57 -10.46 -19.58
C GLU B 96 -15.19 -11.54 -20.59
N GLU B 97 -15.24 -11.21 -21.87
CA GLU B 97 -14.87 -12.15 -22.92
C GLU B 97 -13.36 -12.39 -22.95
N SER B 98 -12.61 -11.38 -22.51
CA SER B 98 -11.15 -11.48 -22.46
C SER B 98 -10.77 -12.52 -21.40
N VAL B 99 -11.47 -12.46 -20.28
CA VAL B 99 -11.24 -13.38 -19.20
C VAL B 99 -11.43 -14.80 -19.70
N TYR B 100 -12.51 -15.01 -20.44
CA TYR B 100 -12.82 -16.32 -20.98
C TYR B 100 -11.70 -16.84 -21.87
N GLU B 101 -11.26 -16.02 -22.83
CA GLU B 101 -10.20 -16.44 -23.72
C GLU B 101 -8.89 -16.71 -22.97
N LEU B 102 -8.59 -15.85 -22.00
CA LEU B 102 -7.36 -16.01 -21.23
C LEU B 102 -7.39 -17.31 -20.43
N LEU B 103 -8.50 -17.56 -19.73
CA LEU B 103 -8.64 -18.77 -18.93
C LEU B 103 -8.52 -20.00 -19.83
N LYS B 104 -9.16 -19.94 -21.00
CA LYS B 104 -9.10 -21.05 -21.95
C LYS B 104 -7.66 -21.25 -22.41
N LYS B 105 -7.00 -20.18 -22.79
CA LYS B 105 -5.62 -20.28 -23.25
C LYS B 105 -4.74 -20.85 -22.13
N LEU B 106 -5.18 -20.68 -20.89
CA LEU B 106 -4.43 -21.18 -19.74
C LEU B 106 -4.88 -22.59 -19.34
N ASN B 107 -5.70 -23.22 -20.18
CA ASN B 107 -6.19 -24.56 -19.93
C ASN B 107 -6.83 -24.64 -18.55
N VAL B 108 -7.77 -23.76 -18.27
CA VAL B 108 -8.42 -23.78 -16.96
C VAL B 108 -9.76 -24.49 -16.97
N ARG B 109 -9.90 -25.48 -16.08
CA ARG B 109 -11.16 -26.22 -15.98
C ARG B 109 -11.83 -25.95 -14.63
N LYS B 110 -11.04 -25.96 -13.55
CA LYS B 110 -11.58 -25.69 -12.22
C LYS B 110 -11.30 -24.22 -11.90
N LEU B 111 -12.32 -23.52 -11.41
CA LEU B 111 -12.19 -22.10 -11.13
C LEU B 111 -12.76 -21.67 -9.78
N TRP B 112 -12.07 -20.72 -9.14
CA TRP B 112 -12.53 -20.16 -7.86
C TRP B 112 -12.85 -18.72 -8.22
N ILE B 113 -14.03 -18.24 -7.85
CA ILE B 113 -14.45 -16.89 -8.19
C ILE B 113 -14.61 -15.91 -7.04
N GLY B 114 -13.91 -14.78 -7.12
CA GLY B 114 -14.03 -13.75 -6.10
C GLY B 114 -14.73 -12.56 -6.72
N THR B 115 -15.64 -11.93 -5.97
CA THR B 115 -16.36 -10.77 -6.48
C THR B 115 -16.55 -9.70 -5.39
N PRO B 116 -16.98 -8.50 -5.78
CA PRO B 116 -17.17 -7.46 -4.76
C PRO B 116 -18.66 -7.35 -4.41
N TYR B 117 -19.48 -8.13 -5.11
CA TYR B 117 -20.94 -8.11 -4.96
C TYR B 117 -21.50 -8.78 -3.72
N ILE B 118 -22.81 -8.66 -3.56
CA ILE B 118 -23.53 -9.26 -2.45
C ILE B 118 -23.85 -10.70 -2.83
N LYS B 119 -24.24 -11.51 -1.85
CA LYS B 119 -24.55 -12.91 -2.12
C LYS B 119 -25.36 -13.13 -3.37
N GLU B 120 -26.51 -12.46 -3.47
CA GLU B 120 -27.37 -12.61 -4.65
C GLU B 120 -26.59 -12.53 -5.95
N ARG B 121 -25.97 -11.38 -6.22
CA ARG B 121 -25.23 -11.20 -7.45
C ARG B 121 -24.00 -12.10 -7.61
N THR B 122 -23.33 -12.40 -6.51
CA THR B 122 -22.17 -13.28 -6.58
C THR B 122 -22.65 -14.61 -7.15
N LEU B 123 -23.86 -15.01 -6.74
CA LEU B 123 -24.47 -16.26 -7.19
C LEU B 123 -24.75 -16.25 -8.70
N GLU B 124 -25.18 -15.10 -9.20
CA GLU B 124 -25.47 -14.95 -10.62
C GLU B 124 -24.17 -14.99 -11.42
N GLU B 125 -23.14 -14.35 -10.86
CA GLU B 125 -21.84 -14.32 -11.50
C GLU B 125 -21.30 -15.75 -11.57
N VAL B 126 -21.60 -16.51 -10.52
CA VAL B 126 -21.15 -17.89 -10.45
C VAL B 126 -21.69 -18.80 -11.54
N GLU B 127 -23.00 -19.04 -11.54
CA GLU B 127 -23.54 -19.95 -12.54
C GLU B 127 -23.42 -19.41 -13.97
N TRP B 128 -23.04 -18.15 -14.11
CA TRP B 128 -22.85 -17.59 -15.45
C TRP B 128 -21.55 -18.19 -15.99
N TRP B 129 -20.52 -18.22 -15.13
CA TRP B 129 -19.23 -18.78 -15.53
C TRP B 129 -19.30 -20.30 -15.56
N ARG B 130 -20.15 -20.84 -14.68
CA ARG B 130 -20.34 -22.28 -14.60
C ARG B 130 -20.95 -22.70 -15.92
N ASN B 131 -21.90 -21.89 -16.40
CA ASN B 131 -22.57 -22.15 -17.66
C ASN B 131 -21.66 -22.12 -18.85
N LYS B 132 -20.39 -21.78 -18.65
CA LYS B 132 -19.45 -21.73 -19.75
C LYS B 132 -18.56 -22.96 -19.68
N GLY B 133 -18.97 -23.89 -18.83
CA GLY B 133 -18.26 -25.14 -18.68
C GLY B 133 -17.23 -25.25 -17.57
N PHE B 134 -17.01 -24.17 -16.84
CA PHE B 134 -16.03 -24.23 -15.76
C PHE B 134 -16.62 -24.89 -14.53
N GLU B 135 -15.80 -25.66 -13.84
CA GLU B 135 -16.24 -26.29 -12.61
C GLU B 135 -15.86 -25.27 -11.55
N ILE B 136 -16.85 -24.78 -10.83
CA ILE B 136 -16.59 -23.76 -9.82
C ILE B 136 -16.42 -24.32 -8.42
N VAL B 137 -15.16 -24.57 -8.08
CA VAL B 137 -14.78 -25.14 -6.79
C VAL B 137 -15.06 -24.27 -5.57
N GLY B 138 -15.47 -23.02 -5.78
CA GLY B 138 -15.74 -22.15 -4.66
C GLY B 138 -15.85 -20.67 -5.03
N TYR B 139 -16.38 -19.86 -4.12
CA TYR B 139 -16.54 -18.44 -4.40
C TYR B 139 -16.90 -17.64 -3.15
N ASP B 140 -16.86 -16.32 -3.29
CA ASP B 140 -17.20 -15.40 -2.19
C ASP B 140 -17.23 -13.98 -2.76
N GLY B 141 -17.87 -13.07 -2.03
CA GLY B 141 -17.97 -11.69 -2.47
C GLY B 141 -17.77 -10.71 -1.33
N LEU B 142 -17.49 -9.46 -1.65
CA LEU B 142 -17.26 -8.46 -0.63
C LEU B 142 -18.57 -7.89 -0.15
N GLY B 143 -19.65 -8.25 -0.84
CA GLY B 143 -20.97 -7.77 -0.46
C GLY B 143 -21.15 -6.26 -0.53
N LYS B 144 -20.70 -5.65 -1.62
CA LYS B 144 -20.85 -4.21 -1.80
C LYS B 144 -21.84 -3.92 -2.92
N ILE B 145 -22.34 -2.69 -2.98
CA ILE B 145 -23.32 -2.34 -3.99
C ILE B 145 -22.89 -1.15 -4.84
N ARG B 146 -22.50 -0.07 -4.18
CA ARG B 146 -22.07 1.13 -4.88
C ARG B 146 -20.68 1.00 -5.49
N GLY B 147 -20.56 1.40 -6.75
CA GLY B 147 -19.29 1.32 -7.45
C GLY B 147 -18.15 2.06 -6.77
N ILE B 148 -18.42 3.25 -6.25
CA ILE B 148 -17.37 4.01 -5.58
C ILE B 148 -16.86 3.23 -4.37
N ASP B 149 -17.76 2.57 -3.68
CA ASP B 149 -17.41 1.76 -2.51
C ASP B 149 -16.53 0.60 -2.98
N ILE B 150 -16.93 -0.02 -4.08
CA ILE B 150 -16.18 -1.13 -4.65
C ILE B 150 -14.77 -0.66 -5.02
N SER B 151 -14.67 0.49 -5.68
CA SER B 151 -13.39 1.04 -6.08
C SER B 151 -12.48 1.29 -4.88
N ASN B 152 -13.07 1.67 -3.76
CA ASN B 152 -12.28 1.96 -2.56
C ASN B 152 -11.67 0.73 -1.88
N THR B 153 -11.96 -0.45 -2.39
CA THR B 153 -11.44 -1.68 -1.79
C THR B 153 -9.91 -1.75 -1.78
N PRO B 154 -9.31 -1.86 -0.58
CA PRO B 154 -7.87 -1.95 -0.36
C PRO B 154 -7.25 -3.21 -0.95
N ILE B 155 -5.99 -3.11 -1.34
CA ILE B 155 -5.27 -4.23 -1.92
C ILE B 155 -5.45 -5.52 -1.13
N PHE B 156 -5.10 -5.50 0.14
CA PHE B 156 -5.22 -6.70 0.95
C PHE B 156 -6.61 -7.15 1.33
N THR B 157 -7.60 -6.29 1.13
CA THR B 157 -8.97 -6.69 1.42
C THR B 157 -9.34 -7.63 0.30
N ILE B 158 -8.86 -7.32 -0.89
CA ILE B 158 -9.11 -8.14 -2.07
C ILE B 158 -8.31 -9.41 -1.91
N TYR B 159 -7.11 -9.27 -1.35
CA TYR B 159 -6.24 -10.41 -1.14
C TYR B 159 -6.86 -11.41 -0.16
N ARG B 160 -7.38 -10.92 0.96
CA ARG B 160 -7.97 -11.81 1.95
C ARG B 160 -9.31 -12.38 1.50
N LEU B 161 -9.98 -11.67 0.60
CA LEU B 161 -11.27 -12.10 0.08
C LEU B 161 -11.09 -13.51 -0.50
N VAL B 162 -9.92 -13.75 -1.07
CA VAL B 162 -9.58 -15.03 -1.67
C VAL B 162 -8.87 -15.96 -0.68
N LYS B 163 -7.81 -15.45 -0.07
CA LYS B 163 -7.01 -16.25 0.88
C LYS B 163 -7.82 -16.90 1.99
N ARG B 164 -8.88 -16.24 2.40
CA ARG B 164 -9.74 -16.74 3.46
C ARG B 164 -10.34 -18.11 3.13
N HIS B 165 -10.32 -18.46 1.85
CA HIS B 165 -10.86 -19.75 1.40
C HIS B 165 -9.76 -20.60 0.79
N LEU B 166 -8.55 -20.46 1.33
CA LEU B 166 -7.37 -21.20 0.85
C LEU B 166 -7.71 -22.63 0.48
N ASN B 167 -8.36 -23.30 1.42
CA ASN B 167 -8.78 -24.69 1.29
C ASN B 167 -9.35 -25.01 -0.08
N GLU B 168 -10.53 -24.49 -0.38
CA GLU B 168 -11.15 -24.72 -1.66
C GLU B 168 -10.35 -24.05 -2.79
N VAL B 169 -9.95 -22.80 -2.59
CA VAL B 169 -9.17 -22.08 -3.60
C VAL B 169 -8.01 -22.89 -4.19
N LEU B 170 -7.36 -23.71 -3.35
CA LEU B 170 -6.23 -24.53 -3.79
C LEU B 170 -6.65 -25.72 -4.67
N LYS B 171 -7.95 -25.89 -4.82
CA LYS B 171 -8.50 -26.97 -5.64
C LYS B 171 -8.75 -26.50 -7.07
N ALA B 172 -8.63 -25.20 -7.30
CA ALA B 172 -8.88 -24.64 -8.63
C ALA B 172 -7.63 -24.59 -9.49
N ASP B 173 -7.81 -24.33 -10.79
CA ASP B 173 -6.69 -24.22 -11.71
C ASP B 173 -6.29 -22.76 -11.79
N ALA B 174 -7.22 -21.90 -11.38
CA ALA B 174 -6.99 -20.47 -11.42
C ALA B 174 -8.08 -19.76 -10.63
N VAL B 175 -7.81 -18.50 -10.30
CA VAL B 175 -8.76 -17.67 -9.57
C VAL B 175 -9.17 -16.54 -10.50
N TYR B 176 -10.43 -16.12 -10.41
CA TYR B 176 -10.94 -15.02 -11.22
C TYR B 176 -11.59 -14.00 -10.29
N ILE B 177 -11.18 -12.74 -10.43
CA ILE B 177 -11.74 -11.67 -9.62
C ILE B 177 -12.56 -10.74 -10.53
N ALA B 178 -13.86 -10.78 -10.36
CA ALA B 178 -14.77 -9.99 -11.20
C ALA B 178 -14.91 -8.51 -10.85
N CYS B 179 -15.36 -7.75 -11.83
CA CYS B 179 -15.60 -6.31 -11.77
C CYS B 179 -14.37 -5.45 -12.03
N THR B 180 -14.51 -4.52 -12.98
CA THR B 180 -13.44 -3.62 -13.35
C THR B 180 -13.30 -2.43 -12.40
N ALA B 181 -14.23 -2.30 -11.46
CA ALA B 181 -14.16 -1.20 -10.50
C ALA B 181 -13.09 -1.48 -9.44
N LEU B 182 -12.72 -2.75 -9.27
CA LEU B 182 -11.70 -3.12 -8.32
C LEU B 182 -10.32 -2.88 -8.90
N SER B 183 -9.44 -2.24 -8.13
CA SER B 183 -8.08 -2.02 -8.58
C SER B 183 -7.33 -3.25 -8.14
N THR B 184 -7.07 -4.15 -9.08
CA THR B 184 -6.40 -5.42 -8.75
C THR B 184 -4.93 -5.52 -9.16
N TYR B 185 -4.37 -4.43 -9.68
CA TYR B 185 -2.97 -4.44 -10.10
C TYR B 185 -2.00 -5.10 -9.12
N GLU B 186 -2.08 -4.74 -7.85
CA GLU B 186 -1.19 -5.32 -6.84
C GLU B 186 -1.73 -6.63 -6.27
N ALA B 187 -2.96 -6.59 -5.77
CA ALA B 187 -3.58 -7.75 -5.15
C ALA B 187 -3.34 -9.03 -5.97
N VAL B 188 -3.61 -8.95 -7.25
CA VAL B 188 -3.44 -10.08 -8.14
C VAL B 188 -2.00 -10.62 -8.17
N GLN B 189 -1.01 -9.76 -8.01
CA GLN B 189 0.38 -10.20 -8.03
C GLN B 189 0.70 -11.00 -6.76
N TYR B 190 0.24 -10.49 -5.63
CA TYR B 190 0.47 -11.17 -4.36
C TYR B 190 -0.19 -12.54 -4.40
N LEU B 191 -1.46 -12.57 -4.80
CA LEU B 191 -2.18 -13.83 -4.87
C LEU B 191 -1.47 -14.80 -5.82
N HIS B 192 -1.09 -14.34 -7.00
CA HIS B 192 -0.43 -15.20 -7.97
C HIS B 192 0.85 -15.84 -7.40
N GLU B 193 1.65 -15.04 -6.71
CA GLU B 193 2.88 -15.54 -6.12
C GLU B 193 2.59 -16.56 -5.03
N ASP B 194 1.69 -16.21 -4.13
CA ASP B 194 1.35 -17.06 -3.01
C ASP B 194 0.62 -18.34 -3.34
N LEU B 195 -0.37 -18.26 -4.23
CA LEU B 195 -1.15 -19.44 -4.58
C LEU B 195 -0.51 -20.28 -5.67
N ASP B 196 0.52 -19.74 -6.31
CA ASP B 196 1.22 -20.44 -7.39
C ASP B 196 0.26 -20.94 -8.48
N MSE B 197 -0.60 -20.06 -8.96
CA MSE B 197 -1.55 -20.39 -10.01
C MSE B 197 -1.99 -19.07 -10.61
O MSE B 197 -1.87 -18.03 -9.97
CB MSE B 197 -2.77 -21.13 -9.44
CG MSE B 197 -3.59 -20.32 -8.45
SE MSE B 197 -5.29 -21.15 -7.93
CE MSE B 197 -4.62 -22.38 -6.59
N PRO B 198 -2.49 -19.08 -11.86
CA PRO B 198 -2.91 -17.81 -12.44
C PRO B 198 -4.08 -17.18 -11.68
N VAL B 199 -3.96 -15.89 -11.39
CA VAL B 199 -5.01 -15.15 -10.70
C VAL B 199 -5.40 -14.07 -11.70
N VAL B 200 -6.55 -14.24 -12.35
CA VAL B 200 -7.02 -13.33 -13.38
C VAL B 200 -8.08 -12.31 -12.95
N SER B 201 -7.73 -11.03 -13.05
CA SER B 201 -8.67 -9.98 -12.71
C SER B 201 -9.24 -9.48 -14.01
N GLU B 202 -10.43 -8.90 -13.96
CA GLU B 202 -11.08 -8.43 -15.17
C GLU B 202 -10.27 -7.35 -15.89
N ASN B 203 -9.64 -6.46 -15.12
CA ASN B 203 -8.84 -5.42 -15.73
C ASN B 203 -7.59 -5.97 -16.42
N ALA B 204 -6.91 -6.92 -15.77
CA ALA B 204 -5.71 -7.49 -16.37
C ALA B 204 -6.05 -8.25 -17.66
N ALA B 205 -7.18 -8.96 -17.64
CA ALA B 205 -7.61 -9.71 -18.81
C ALA B 205 -7.88 -8.74 -19.95
N ALA B 206 -8.53 -7.63 -19.65
CA ALA B 206 -8.84 -6.64 -20.67
C ALA B 206 -7.58 -6.10 -21.33
N MSE B 207 -6.58 -5.75 -20.52
CA MSE B 207 -5.32 -5.24 -21.04
C MSE B 207 -4.59 -6.29 -21.87
O MSE B 207 -3.96 -5.98 -22.89
CB MSE B 207 -4.41 -4.76 -19.92
CG MSE B 207 -4.48 -3.27 -19.67
SE MSE B 207 -3.91 -2.23 -21.22
CE MSE B 207 -2.20 -1.63 -20.59
N TRP B 208 -4.67 -7.54 -21.42
CA TRP B 208 -4.05 -8.65 -22.11
C TRP B 208 -4.56 -8.71 -23.54
N GLU B 209 -5.88 -8.70 -23.70
CA GLU B 209 -6.48 -8.77 -25.01
C GLU B 209 -6.17 -7.55 -25.87
N ALA B 210 -6.29 -6.37 -25.28
CA ALA B 210 -6.01 -5.13 -26.00
C ALA B 210 -4.57 -5.05 -26.50
N LEU B 211 -3.64 -5.34 -25.60
CA LEU B 211 -2.21 -5.32 -25.93
C LEU B 211 -1.84 -6.35 -27.00
N ASN B 212 -2.58 -7.46 -27.02
CA ASN B 212 -2.35 -8.51 -28.00
C ASN B 212 -2.77 -8.05 -29.37
N LYS B 213 -3.98 -7.48 -29.45
CA LYS B 213 -4.51 -7.01 -30.72
C LYS B 213 -3.63 -5.90 -31.28
N LEU B 214 -3.14 -5.01 -30.42
CA LEU B 214 -2.29 -3.93 -30.88
C LEU B 214 -0.86 -4.42 -31.14
N LYS B 215 -0.53 -5.56 -30.54
CA LYS B 215 0.80 -6.15 -30.67
C LYS B 215 1.86 -5.32 -29.95
N ILE B 216 1.68 -5.18 -28.65
CA ILE B 216 2.61 -4.44 -27.82
C ILE B 216 3.04 -5.38 -26.69
N LYS B 217 4.35 -5.65 -26.60
CA LYS B 217 4.88 -6.51 -25.55
C LYS B 217 4.57 -5.94 -24.17
N ALA B 218 4.20 -6.80 -23.23
CA ALA B 218 3.88 -6.34 -21.88
C ALA B 218 3.73 -7.49 -20.89
N LYS B 219 4.15 -7.22 -19.64
CA LYS B 219 4.07 -8.21 -18.56
C LYS B 219 2.89 -7.88 -17.65
N LEU B 220 1.78 -8.59 -17.85
CA LEU B 220 0.60 -8.34 -17.03
C LEU B 220 0.65 -9.04 -15.69
N PRO B 221 -0.02 -8.47 -14.68
CA PRO B 221 -0.16 -8.88 -13.28
C PRO B 221 -0.19 -10.34 -12.82
N GLY B 222 -1.35 -10.97 -12.73
CA GLY B 222 -1.36 -12.32 -12.18
C GLY B 222 -1.26 -13.59 -13.03
N PHE B 223 -0.50 -13.55 -14.12
CA PHE B 223 -0.40 -14.73 -14.97
C PHE B 223 0.71 -14.59 -16.00
N PRO C 2 20.55 -9.85 16.16
CA PRO C 2 21.12 -9.39 17.45
C PRO C 2 21.32 -7.87 17.46
N GLY C 3 20.50 -7.17 18.22
CA GLY C 3 20.62 -5.72 18.29
C GLY C 3 21.89 -5.23 18.95
N GLY C 4 22.99 -5.21 18.18
CA GLY C 4 24.25 -4.75 18.71
C GLY C 4 24.22 -3.28 18.99
N ARG C 5 23.40 -2.55 18.24
CA ARG C 5 23.26 -1.11 18.39
C ARG C 5 22.28 -0.77 19.50
N GLY C 6 21.33 -1.67 19.74
CA GLY C 6 20.34 -1.43 20.77
C GLY C 6 19.18 -2.39 20.67
N ARG C 7 18.57 -2.68 21.82
CA ARG C 7 17.43 -3.58 21.88
C ARG C 7 16.30 -2.90 22.61
N ILE C 8 15.16 -2.75 21.94
CA ILE C 8 14.00 -2.10 22.54
C ILE C 8 12.91 -3.10 22.88
N GLY C 9 12.55 -3.17 24.15
CA GLY C 9 11.50 -4.08 24.56
C GLY C 9 10.18 -3.34 24.53
N VAL C 10 9.10 -4.04 24.24
CA VAL C 10 7.80 -3.40 24.19
C VAL C 10 6.70 -4.30 24.78
N ILE C 11 5.93 -3.75 25.71
CA ILE C 11 4.83 -4.46 26.34
C ILE C 11 3.57 -3.93 25.66
N LEU C 12 2.80 -4.80 25.03
CA LEU C 12 1.59 -4.34 24.37
C LEU C 12 0.39 -5.24 24.56
N PRO C 13 -0.81 -4.72 24.28
CA PRO C 13 -2.03 -5.51 24.43
C PRO C 13 -2.06 -6.68 23.44
N ALA C 14 -2.64 -7.79 23.87
CA ALA C 14 -2.72 -9.00 23.06
C ALA C 14 -3.15 -8.76 21.62
N ASN C 15 -4.19 -7.97 21.42
CA ASN C 15 -4.71 -7.75 20.07
C ASN C 15 -4.19 -6.56 19.29
N ASN C 16 -3.05 -6.02 19.69
CA ASN C 16 -2.45 -4.90 18.98
C ASN C 16 -1.60 -5.51 17.87
N ALA C 17 -1.97 -5.26 16.61
CA ALA C 17 -1.21 -5.80 15.51
C ALA C 17 -0.50 -4.73 14.68
N GLY C 18 -0.56 -3.49 15.14
CA GLY C 18 0.07 -2.41 14.40
C GLY C 18 1.38 -1.85 14.93
N MSE C 19 1.56 -1.82 16.24
CA MSE C 19 2.77 -1.27 16.82
C MSE C 19 4.07 -2.00 16.48
O MSE C 19 5.06 -1.38 16.10
CB MSE C 19 2.63 -1.16 18.34
CG MSE C 19 3.79 -0.46 18.99
SE MSE C 19 3.46 -0.08 20.84
CE MSE C 19 4.64 1.43 21.02
N GLU C 20 4.05 -3.32 16.58
CA GLU C 20 5.25 -4.08 16.28
C GLU C 20 5.75 -3.78 14.88
N TYR C 21 4.83 -3.67 13.93
CA TYR C 21 5.20 -3.36 12.54
C TYR C 21 5.84 -1.97 12.47
N ASP C 22 5.17 -0.97 13.04
CA ASP C 22 5.68 0.40 13.05
C ASP C 22 7.07 0.47 13.67
N LEU C 23 7.20 -0.12 14.86
CA LEU C 23 8.47 -0.12 15.56
C LEU C 23 9.62 -0.70 14.73
N TRP C 24 9.40 -1.84 14.06
CA TRP C 24 10.46 -2.42 13.25
C TRP C 24 10.80 -1.57 12.04
N LYS C 25 9.77 -1.01 11.41
CA LYS C 25 9.99 -0.16 10.25
C LYS C 25 10.80 1.07 10.62
N MSE C 26 10.65 1.52 11.87
CA MSE C 26 11.38 2.70 12.35
C MSE C 26 12.73 2.36 12.95
O MSE C 26 13.59 3.22 13.07
CB MSE C 26 10.56 3.44 13.40
CG MSE C 26 9.18 3.86 12.93
SE MSE C 26 8.16 4.82 14.28
CE MSE C 26 7.39 3.30 15.18
N ALA C 27 12.91 1.11 13.33
CA ALA C 27 14.16 0.67 13.93
C ALA C 27 15.34 0.86 12.98
N PRO C 28 16.34 1.62 13.41
CA PRO C 28 17.51 1.82 12.54
C PRO C 28 18.34 0.55 12.53
N GLU C 29 19.31 0.46 11.62
CA GLU C 29 20.14 -0.73 11.52
C GLU C 29 20.91 -1.09 12.79
N GLY C 30 20.78 -2.33 13.23
CA GLY C 30 21.49 -2.75 14.42
C GLY C 30 20.59 -2.72 15.63
N VAL C 31 19.35 -2.26 15.42
CA VAL C 31 18.39 -2.17 16.51
C VAL C 31 17.32 -3.24 16.29
N SER C 32 16.91 -3.90 17.37
CA SER C 32 15.87 -4.92 17.28
C SER C 32 14.78 -4.65 18.30
N ILE C 33 13.57 -5.11 17.99
CA ILE C 33 12.41 -4.93 18.86
C ILE C 33 11.99 -6.27 19.45
N HIS C 34 11.75 -6.27 20.77
CA HIS C 34 11.36 -7.48 21.47
C HIS C 34 10.09 -7.21 22.28
N SER C 35 9.05 -8.00 22.02
CA SER C 35 7.79 -7.76 22.70
C SER C 35 7.19 -8.92 23.47
N THR C 36 6.25 -8.58 24.35
CA THR C 36 5.53 -9.56 25.14
C THR C 36 4.14 -8.96 25.35
N ARG C 37 3.12 -9.81 25.36
CA ARG C 37 1.75 -9.33 25.49
C ARG C 37 1.12 -9.43 26.87
N MSE C 38 0.06 -8.65 27.05
CA MSE C 38 -0.68 -8.63 28.30
C MSE C 38 -2.15 -8.89 28.03
O MSE C 38 -2.71 -8.49 27.02
CB MSE C 38 -0.50 -7.30 29.03
CG MSE C 38 0.87 -7.14 29.64
SE MSE C 38 0.96 -5.67 30.90
CE MSE C 38 0.66 -6.67 32.53
N LYS C 39 -2.75 -9.59 28.99
CA LYS C 39 -4.16 -9.94 28.95
C LYS C 39 -5.02 -8.74 28.56
N PRO C 40 -5.94 -8.92 27.61
CA PRO C 40 -6.81 -7.79 27.21
C PRO C 40 -7.71 -7.45 28.39
N THR C 41 -7.92 -6.17 28.63
CA THR C 41 -8.75 -5.75 29.77
C THR C 41 -10.06 -5.06 29.44
N LYS C 42 -11.00 -5.14 30.38
CA LYS C 42 -12.32 -4.54 30.25
C LYS C 42 -12.27 -3.01 30.18
N GLY C 43 -11.91 -2.38 31.30
CA GLY C 43 -11.85 -0.93 31.34
C GLY C 43 -10.61 -0.34 30.69
N CYS C 44 -10.38 0.94 30.97
CA CYS C 44 -9.22 1.64 30.42
C CYS C 44 -8.30 2.04 31.59
N GLU C 45 -8.62 1.56 32.79
CA GLU C 45 -7.83 1.85 34.00
C GLU C 45 -7.90 0.63 34.95
N PRO C 46 -6.83 0.39 35.73
CA PRO C 46 -6.78 -0.74 36.67
C PRO C 46 -7.85 -0.72 37.77
N GLU C 47 -8.61 -1.80 37.85
CA GLU C 47 -9.65 -1.94 38.87
C GLU C 47 -8.96 -2.28 40.18
N ASN C 48 -8.06 -3.25 40.07
CA ASN C 48 -7.27 -3.78 41.18
C ASN C 48 -5.83 -3.35 40.93
N VAL C 49 -5.35 -2.37 41.68
CA VAL C 49 -3.98 -1.89 41.50
C VAL C 49 -2.90 -2.93 41.77
N GLU C 50 -3.03 -3.67 42.86
CA GLU C 50 -2.03 -4.70 43.18
C GLU C 50 -2.01 -5.76 42.08
N GLU C 51 -3.18 -6.08 41.53
CA GLU C 51 -3.30 -7.05 40.46
C GLU C 51 -2.52 -6.56 39.25
N PHE C 52 -2.80 -5.31 38.86
CA PHE C 52 -2.14 -4.68 37.74
C PHE C 52 -0.63 -4.71 37.95
N GLU C 53 -0.17 -4.13 39.06
CA GLU C 53 1.24 -4.08 39.38
C GLU C 53 1.92 -5.45 39.36
N LYS C 54 1.21 -6.48 39.80
CA LYS C 54 1.79 -7.82 39.81
C LYS C 54 1.97 -8.34 38.40
N GLU C 55 0.97 -8.13 37.55
CA GLU C 55 1.03 -8.58 36.16
C GLU C 55 2.04 -7.75 35.38
N LEU C 56 2.09 -6.46 35.70
CA LEU C 56 3.02 -5.55 35.04
C LEU C 56 4.45 -5.97 35.36
N LYS C 57 4.72 -6.28 36.62
CA LYS C 57 6.05 -6.68 37.03
C LYS C 57 6.45 -7.99 36.34
N TYR C 58 5.48 -8.88 36.16
CA TYR C 58 5.75 -10.17 35.51
C TYR C 58 6.17 -9.98 34.05
N SER C 59 5.37 -9.24 33.30
CA SER C 59 5.69 -9.01 31.90
C SER C 59 7.04 -8.31 31.79
N TYR C 60 7.27 -7.36 32.68
CA TYR C 60 8.53 -6.65 32.69
C TYR C 60 9.68 -7.61 32.90
N SER C 61 9.48 -8.58 33.79
CA SER C 61 10.53 -9.55 34.06
C SER C 61 10.86 -10.39 32.84
N LEU C 62 9.92 -10.50 31.89
CA LEU C 62 10.15 -11.28 30.68
C LEU C 62 10.95 -10.50 29.63
N LEU C 63 11.02 -9.19 29.80
CA LEU C 63 11.73 -8.33 28.85
C LEU C 63 12.99 -7.67 29.43
N ALA C 64 13.08 -7.64 30.76
CA ALA C 64 14.19 -7.01 31.47
C ALA C 64 15.60 -7.33 31.00
N GLU C 65 15.87 -8.59 30.68
CA GLU C 65 17.21 -8.95 30.26
C GLU C 65 17.57 -8.71 28.80
N VAL C 66 16.61 -8.82 27.89
CA VAL C 66 16.90 -8.58 26.47
C VAL C 66 16.75 -7.12 26.09
N SER C 67 16.17 -6.31 26.98
CA SER C 67 15.93 -4.91 26.67
C SER C 67 16.93 -3.90 27.20
N ASP C 68 17.18 -2.87 26.40
CA ASP C 68 18.07 -1.79 26.80
C ASP C 68 17.15 -0.71 27.38
N ILE C 69 15.90 -0.73 26.93
CA ILE C 69 14.88 0.19 27.39
C ILE C 69 13.55 -0.46 27.05
N ILE C 70 12.49 -0.09 27.76
CA ILE C 70 11.19 -0.69 27.51
C ILE C 70 10.09 0.33 27.26
N ILE C 71 9.23 0.03 26.28
CA ILE C 71 8.12 0.89 25.94
C ILE C 71 6.83 0.25 26.42
N TYR C 72 6.02 1.00 27.15
CA TYR C 72 4.74 0.48 27.62
C TYR C 72 3.74 0.88 26.53
N GLY C 73 3.47 -0.04 25.61
CA GLY C 73 2.58 0.25 24.51
C GLY C 73 1.08 0.11 24.72
N ARG C 74 0.59 0.54 25.86
CA ARG C 74 -0.85 0.47 26.14
C ARG C 74 -1.29 1.83 26.63
N THR C 75 -2.60 2.05 26.66
CA THR C 75 -3.12 3.31 27.14
C THR C 75 -3.66 2.98 28.53
N TYR C 76 -3.98 1.70 28.70
CA TYR C 76 -4.50 1.18 29.95
C TYR C 76 -3.60 1.50 31.13
N GLY C 77 -4.16 2.17 32.12
CA GLY C 77 -3.41 2.52 33.32
C GLY C 77 -2.47 3.70 33.22
N THR C 78 -2.41 4.32 32.05
CA THR C 78 -1.51 5.46 31.86
C THR C 78 -2.08 6.80 32.32
N HIS C 79 -3.41 6.92 32.31
CA HIS C 79 -4.02 8.17 32.73
C HIS C 79 -4.05 8.40 34.24
N LYS C 80 -4.42 7.38 35.00
CA LYS C 80 -4.48 7.50 36.46
C LYS C 80 -3.41 6.74 37.24
N HIS C 81 -2.73 5.78 36.61
CA HIS C 81 -1.72 5.01 37.32
C HIS C 81 -0.33 5.01 36.72
N ALA C 82 -0.01 6.06 35.98
CA ALA C 82 1.30 6.18 35.35
C ALA C 82 2.41 5.95 36.37
N HIS C 83 2.21 6.45 37.58
CA HIS C 83 3.21 6.32 38.64
C HIS C 83 3.49 4.86 39.00
N VAL C 84 2.49 4.00 38.87
CA VAL C 84 2.66 2.57 39.17
C VAL C 84 3.60 1.96 38.13
N ILE C 85 3.35 2.30 36.87
CA ILE C 85 4.15 1.82 35.75
C ILE C 85 5.60 2.28 35.89
N LYS C 86 5.79 3.58 36.14
CA LYS C 86 7.14 4.13 36.30
C LYS C 86 7.85 3.45 37.45
N ARG C 87 7.08 3.10 38.47
CA ARG C 87 7.62 2.44 39.66
C ARG C 87 8.17 1.05 39.35
N VAL C 88 7.37 0.25 38.65
CA VAL C 88 7.76 -1.10 38.28
C VAL C 88 8.84 -1.13 37.21
N ILE C 89 8.69 -0.28 36.20
CA ILE C 89 9.64 -0.24 35.08
C ILE C 89 10.47 1.04 35.05
N LYS C 90 11.70 0.94 35.52
CA LYS C 90 12.60 2.09 35.55
C LYS C 90 12.91 2.58 34.14
N ASP C 91 12.77 3.88 33.94
CA ASP C 91 13.03 4.51 32.65
C ASP C 91 12.08 4.08 31.54
N VAL C 92 10.93 3.52 31.92
CA VAL C 92 9.94 3.08 30.95
C VAL C 92 9.51 4.25 30.06
N VAL C 93 9.18 3.94 28.81
CA VAL C 93 8.72 4.95 27.89
C VAL C 93 7.20 4.80 27.74
N ILE C 94 6.47 5.85 28.11
CA ILE C 94 5.01 5.85 27.98
C ILE C 94 4.68 6.71 26.77
N PRO C 95 4.33 6.06 25.65
CA PRO C 95 3.99 6.78 24.41
C PRO C 95 3.20 8.07 24.54
N GLU C 96 2.16 8.06 25.38
CA GLU C 96 1.34 9.24 25.58
C GLU C 96 2.17 10.40 26.11
N GLU C 97 3.07 10.13 27.04
CA GLU C 97 3.93 11.16 27.60
C GLU C 97 4.98 11.61 26.58
N SER C 98 5.36 10.70 25.68
CA SER C 98 6.34 10.99 24.65
C SER C 98 5.74 12.01 23.69
N VAL C 99 4.46 11.82 23.38
CA VAL C 99 3.75 12.71 22.48
C VAL C 99 3.78 14.11 23.07
N TYR C 100 3.49 14.21 24.35
CA TYR C 100 3.49 15.49 25.02
C TYR C 100 4.85 16.21 24.92
N GLU C 101 5.92 15.50 25.25
CA GLU C 101 7.24 16.10 25.18
C GLU C 101 7.59 16.50 23.75
N LEU C 102 7.27 15.64 22.80
CA LEU C 102 7.57 15.92 21.39
C LEU C 102 6.81 17.16 20.90
N LEU C 103 5.52 17.24 21.22
CA LEU C 103 4.71 18.39 20.81
C LEU C 103 5.25 19.66 21.44
N LYS C 104 5.64 19.57 22.72
CA LYS C 104 6.18 20.71 23.42
C LYS C 104 7.49 21.14 22.78
N LYS C 105 8.37 20.18 22.53
CA LYS C 105 9.64 20.50 21.91
C LYS C 105 9.41 21.11 20.52
N LEU C 106 8.26 20.82 19.91
CA LEU C 106 7.93 21.36 18.60
C LEU C 106 7.15 22.68 18.70
N ASN C 107 7.07 23.24 19.90
CA ASN C 107 6.35 24.49 20.15
C ASN C 107 4.94 24.43 19.61
N VAL C 108 4.19 23.40 20.01
CA VAL C 108 2.83 23.25 19.52
C VAL C 108 1.78 23.78 20.49
N ARG C 109 0.94 24.71 20.02
CA ARG C 109 -0.11 25.25 20.87
C ARG C 109 -1.49 24.84 20.35
N LYS C 110 -1.68 24.89 19.04
CA LYS C 110 -2.95 24.49 18.44
C LYS C 110 -2.78 23.07 17.92
N LEU C 111 -3.74 22.21 18.25
CA LEU C 111 -3.66 20.80 17.85
C LEU C 111 -4.95 20.23 17.25
N TRP C 112 -4.79 19.36 16.25
CA TRP C 112 -5.92 18.68 15.62
C TRP C 112 -5.70 17.21 16.00
N ILE C 113 -6.73 16.58 16.54
CA ILE C 113 -6.60 15.19 16.99
C ILE C 113 -7.40 14.14 16.22
N GLY C 114 -6.70 13.14 15.71
CA GLY C 114 -7.35 12.05 15.01
C GLY C 114 -7.27 10.79 15.86
N THR C 115 -8.34 10.01 15.93
CA THR C 115 -8.35 8.79 16.73
C THR C 115 -9.09 7.67 16.01
N PRO C 116 -8.99 6.43 16.51
CA PRO C 116 -9.69 5.33 15.86
C PRO C 116 -10.97 5.00 16.63
N TYR C 117 -11.17 5.69 17.75
CA TYR C 117 -12.30 5.48 18.65
C TYR C 117 -13.65 6.03 18.18
N ILE C 118 -14.70 5.72 18.93
CA ILE C 118 -16.04 6.24 18.63
C ILE C 118 -16.11 7.61 19.31
N LYS C 119 -17.07 8.43 18.89
CA LYS C 119 -17.24 9.77 19.43
C LYS C 119 -16.90 9.96 20.91
N GLU C 120 -17.59 9.24 21.79
CA GLU C 120 -17.35 9.34 23.23
C GLU C 120 -15.87 9.36 23.61
N ARG C 121 -15.16 8.28 23.27
CA ARG C 121 -13.75 8.21 23.59
C ARG C 121 -12.95 9.32 22.91
N THR C 122 -13.28 9.61 21.65
CA THR C 122 -12.60 10.66 20.92
C THR C 122 -12.66 11.97 21.73
N LEU C 123 -13.83 12.27 22.25
CA LEU C 123 -14.03 13.49 23.02
C LEU C 123 -13.21 13.45 24.30
N GLU C 124 -13.19 12.31 24.98
CA GLU C 124 -12.43 12.19 26.21
C GLU C 124 -10.97 12.44 25.90
N GLU C 125 -10.52 11.86 24.78
CA GLU C 125 -9.14 12.02 24.35
C GLU C 125 -8.89 13.51 24.14
N VAL C 126 -9.86 14.18 23.53
CA VAL C 126 -9.76 15.60 23.27
C VAL C 126 -9.63 16.38 24.58
N GLU C 127 -10.54 16.15 25.52
CA GLU C 127 -10.50 16.85 26.80
C GLU C 127 -9.19 16.59 27.53
N TRP C 128 -8.65 15.37 27.38
CA TRP C 128 -7.40 15.05 28.05
C TRP C 128 -6.33 16.00 27.56
N TRP C 129 -6.16 16.08 26.25
CA TRP C 129 -5.16 16.97 25.67
C TRP C 129 -5.51 18.42 25.86
N ARG C 130 -6.81 18.68 25.90
CA ARG C 130 -7.31 20.04 26.07
C ARG C 130 -6.93 20.48 27.48
N ASN C 131 -7.05 19.56 28.43
CA ASN C 131 -6.71 19.84 29.82
C ASN C 131 -5.23 19.82 30.09
N LYS C 132 -4.42 19.78 29.04
CA LYS C 132 -2.97 19.79 29.17
C LYS C 132 -2.43 21.08 28.55
N GLY C 133 -3.34 22.01 28.26
CA GLY C 133 -2.93 23.28 27.71
C GLY C 133 -2.97 23.46 26.20
N PHE C 134 -3.39 22.47 25.45
CA PHE C 134 -3.45 22.61 24.00
C PHE C 134 -4.80 23.13 23.55
N GLU C 135 -4.80 23.97 22.52
CA GLU C 135 -6.05 24.46 21.97
C GLU C 135 -6.37 23.45 20.89
N ILE C 136 -7.51 22.79 21.02
CA ILE C 136 -7.89 21.77 20.06
C ILE C 136 -8.82 22.28 18.96
N VAL C 137 -8.21 22.70 17.86
CA VAL C 137 -8.91 23.25 16.71
C VAL C 137 -9.83 22.28 15.98
N GLY C 138 -9.80 20.99 16.32
CA GLY C 138 -10.66 20.05 15.65
C GLY C 138 -10.29 18.61 15.92
N TYR C 139 -11.19 17.68 15.59
CA TYR C 139 -10.94 16.27 15.83
C TYR C 139 -11.96 15.36 15.14
N ASP C 140 -11.65 14.07 15.11
CA ASP C 140 -12.54 13.07 14.51
C ASP C 140 -11.98 11.69 14.85
N GLY C 141 -12.82 10.66 14.69
CA GLY C 141 -12.38 9.31 15.00
C GLY C 141 -12.91 8.32 13.99
N LEU C 142 -12.32 7.12 13.95
CA LEU C 142 -12.75 6.11 13.00
C LEU C 142 -13.95 5.34 13.54
N GLY C 143 -14.29 5.58 14.80
CA GLY C 143 -15.41 4.90 15.39
C GLY C 143 -15.28 3.39 15.49
N LYS C 144 -14.12 2.90 15.93
CA LYS C 144 -13.91 1.47 16.10
C LYS C 144 -13.80 1.11 17.58
N ILE C 145 -13.93 -0.17 17.89
CA ILE C 145 -13.89 -0.60 19.28
C ILE C 145 -12.84 -1.67 19.52
N ARG C 146 -12.88 -2.72 18.71
CA ARG C 146 -11.95 -3.84 18.83
C ARG C 146 -10.55 -3.48 18.32
N GLY C 147 -9.54 -3.80 19.12
CA GLY C 147 -8.16 -3.51 18.73
C GLY C 147 -7.72 -4.12 17.41
N ILE C 148 -8.15 -5.35 17.14
CA ILE C 148 -7.75 -6.00 15.91
C ILE C 148 -8.32 -5.22 14.72
N ASP C 149 -9.53 -4.71 14.91
CA ASP C 149 -10.20 -3.93 13.87
C ASP C 149 -9.40 -2.66 13.66
N ILE C 150 -9.00 -2.03 14.76
CA ILE C 150 -8.22 -0.81 14.71
C ILE C 150 -6.91 -1.05 13.95
N SER C 151 -6.23 -2.15 14.31
CA SER C 151 -4.97 -2.49 13.67
C SER C 151 -5.14 -2.68 12.17
N ASN C 152 -6.29 -3.19 11.76
CA ASN C 152 -6.52 -3.42 10.34
C ASN C 152 -6.72 -2.17 9.50
N THR C 153 -6.72 -1.01 10.15
CA THR C 153 -6.93 0.24 9.41
C THR C 153 -5.87 0.51 8.34
N PRO C 154 -6.30 0.66 7.07
CA PRO C 154 -5.44 0.93 5.91
C PRO C 154 -4.76 2.30 6.00
N ILE C 155 -3.59 2.39 5.38
CA ILE C 155 -2.83 3.62 5.37
C ILE C 155 -3.66 4.83 5.02
N PHE C 156 -4.31 4.80 3.86
CA PHE C 156 -5.09 5.93 3.43
C PHE C 156 -6.41 6.15 4.16
N THR C 157 -6.87 5.17 4.91
CA THR C 157 -8.08 5.37 5.67
C THR C 157 -7.69 6.31 6.80
N ILE C 158 -6.48 6.13 7.32
CA ILE C 158 -5.94 6.97 8.39
C ILE C 158 -5.65 8.33 7.79
N TYR C 159 -5.18 8.33 6.54
CA TYR C 159 -4.87 9.56 5.86
C TYR C 159 -6.12 10.42 5.66
N ARG C 160 -7.19 9.81 5.17
CA ARG C 160 -8.42 10.56 4.92
C ARG C 160 -9.14 10.93 6.22
N LEU C 161 -8.88 10.19 7.28
CA LEU C 161 -9.49 10.48 8.57
C LEU C 161 -9.15 11.94 8.93
N VAL C 162 -7.94 12.35 8.57
CA VAL C 162 -7.46 13.71 8.82
C VAL C 162 -7.78 14.67 7.68
N LYS C 163 -7.39 14.29 6.47
CA LYS C 163 -7.58 15.12 5.29
C LYS C 163 -9.01 15.60 5.08
N ARG C 164 -9.96 14.78 5.49
CA ARG C 164 -11.37 15.12 5.36
C ARG C 164 -11.73 16.40 6.11
N HIS C 165 -10.90 16.82 7.05
CA HIS C 165 -11.12 18.02 7.81
C HIS C 165 -10.05 19.07 7.53
N LEU C 166 -9.54 19.07 6.30
CA LEU C 166 -8.49 19.97 5.86
C LEU C 166 -8.59 21.38 6.41
N ASN C 167 -9.68 22.04 6.10
CA ASN C 167 -9.85 23.42 6.50
C ASN C 167 -9.50 23.71 7.95
N GLU C 168 -9.95 22.86 8.87
CA GLU C 168 -9.65 23.09 10.27
C GLU C 168 -8.30 22.49 10.63
N VAL C 169 -7.94 21.38 9.99
CA VAL C 169 -6.65 20.77 10.28
C VAL C 169 -5.57 21.83 10.05
N LEU C 170 -5.72 22.61 8.99
CA LEU C 170 -4.74 23.64 8.65
C LEU C 170 -4.61 24.75 9.69
N LYS C 171 -5.55 24.83 10.61
CA LYS C 171 -5.52 25.85 11.65
C LYS C 171 -4.65 25.42 12.82
N ALA C 172 -4.22 24.16 12.82
CA ALA C 172 -3.39 23.64 13.90
C ALA C 172 -1.90 23.79 13.64
N ASP C 173 -1.10 23.59 14.69
CA ASP C 173 0.35 23.68 14.57
C ASP C 173 0.88 22.29 14.27
N ALA C 174 0.06 21.29 14.56
CA ALA C 174 0.41 19.91 14.35
C ALA C 174 -0.81 19.02 14.51
N VAL C 175 -0.69 17.80 14.01
CA VAL C 175 -1.76 16.81 14.09
C VAL C 175 -1.25 15.68 14.98
N TYR C 176 -2.15 15.09 15.75
CA TYR C 176 -1.79 13.98 16.62
C TYR C 176 -2.74 12.84 16.35
N ILE C 177 -2.19 11.65 16.09
CA ILE C 177 -3.01 10.47 15.83
C ILE C 177 -2.83 9.50 16.99
N ALA C 178 -3.88 9.33 17.80
CA ALA C 178 -3.85 8.47 18.98
C ALA C 178 -3.97 6.97 18.72
N CYS C 179 -3.53 6.21 19.72
CA CYS C 179 -3.56 4.74 19.74
C CYS C 179 -2.39 4.06 19.02
N THR C 180 -1.72 3.17 19.75
CA THR C 180 -0.58 2.46 19.21
C THR C 180 -0.99 1.27 18.37
N ALA C 181 -2.29 0.96 18.33
CA ALA C 181 -2.75 -0.16 17.53
C ALA C 181 -2.75 0.19 16.03
N LEU C 182 -2.79 1.48 15.73
CA LEU C 182 -2.78 1.94 14.35
C LEU C 182 -1.36 1.91 13.81
N SER C 183 -1.19 1.37 12.61
CA SER C 183 0.12 1.37 11.99
C SER C 183 0.16 2.67 11.21
N THR C 184 0.89 3.64 11.75
CA THR C 184 0.98 4.96 11.13
C THR C 184 2.28 5.28 10.40
N TYR C 185 3.18 4.30 10.32
CA TYR C 185 4.46 4.53 9.66
C TYR C 185 4.37 5.27 8.33
N GLU C 186 3.47 4.84 7.46
CA GLU C 186 3.33 5.48 6.15
C GLU C 186 2.38 6.67 6.18
N ALA C 187 1.17 6.45 6.68
CA ALA C 187 0.15 7.49 6.76
C ALA C 187 0.72 8.82 7.23
N VAL C 188 1.44 8.76 8.34
CA VAL C 188 2.03 9.95 8.93
C VAL C 188 3.00 10.69 7.98
N GLN C 189 3.69 9.96 7.11
CA GLN C 189 4.63 10.59 6.18
C GLN C 189 3.88 11.35 5.09
N TYR C 190 2.82 10.75 4.57
CA TYR C 190 2.02 11.39 3.56
C TYR C 190 1.40 12.65 4.13
N LEU C 191 0.78 12.53 5.29
CA LEU C 191 0.15 13.68 5.93
C LEU C 191 1.18 14.79 6.17
N HIS C 192 2.33 14.44 6.74
CA HIS C 192 3.35 15.43 7.01
C HIS C 192 3.76 16.20 5.76
N GLU C 193 3.98 15.48 4.66
CA GLU C 193 4.37 16.13 3.41
C GLU C 193 3.28 17.04 2.87
N ASP C 194 2.06 16.52 2.84
CA ASP C 194 0.93 17.27 2.32
C ASP C 194 0.46 18.45 3.15
N LEU C 195 0.38 18.29 4.47
CA LEU C 195 -0.07 19.37 5.33
C LEU C 195 1.04 20.34 5.70
N ASP C 196 2.29 19.96 5.44
CA ASP C 196 3.43 20.81 5.77
C ASP C 196 3.43 21.23 7.25
N MSE C 197 3.29 20.26 8.14
CA MSE C 197 3.30 20.52 9.57
C MSE C 197 3.59 19.17 10.23
O MSE C 197 3.36 18.12 9.64
CB MSE C 197 1.95 21.05 10.04
CG MSE C 197 0.79 20.08 9.83
SE MSE C 197 -0.88 20.62 10.68
CE MSE C 197 -1.49 21.89 9.36
N PRO C 198 4.10 19.19 11.47
CA PRO C 198 4.37 17.89 12.08
C PRO C 198 3.10 17.08 12.30
N VAL C 199 3.15 15.80 11.96
CA VAL C 199 2.03 14.89 12.14
C VAL C 199 2.60 13.82 13.06
N VAL C 200 2.20 13.87 14.34
CA VAL C 200 2.71 12.94 15.34
C VAL C 200 1.80 11.77 15.71
N SER C 201 2.28 10.55 15.46
CA SER C 201 1.52 9.37 15.82
C SER C 201 2.09 8.88 17.14
N GLU C 202 1.28 8.14 17.89
CA GLU C 202 1.73 7.64 19.17
C GLU C 202 2.94 6.73 19.05
N ASN C 203 2.98 5.88 18.02
CA ASN C 203 4.11 4.99 17.85
C ASN C 203 5.38 5.74 17.50
N ALA C 204 5.29 6.73 16.63
CA ALA C 204 6.48 7.50 16.25
C ALA C 204 7.01 8.26 17.46
N ALA C 205 6.11 8.79 18.27
CA ALA C 205 6.52 9.54 19.46
C ALA C 205 7.26 8.61 20.42
N ALA C 206 6.74 7.40 20.58
CA ALA C 206 7.35 6.43 21.47
C ALA C 206 8.78 6.10 21.02
N MSE C 207 8.97 5.87 19.73
CA MSE C 207 10.29 5.55 19.20
C MSE C 207 11.24 6.73 19.36
O MSE C 207 12.43 6.56 19.65
CB MSE C 207 10.22 5.15 17.74
CG MSE C 207 10.20 3.65 17.54
SE MSE C 207 11.81 2.80 18.20
CE MSE C 207 12.66 2.38 16.50
N TRP C 208 10.70 7.92 19.15
CA TRP C 208 11.46 9.15 19.28
C TRP C 208 12.10 9.20 20.68
N GLU C 209 11.28 9.03 21.71
CA GLU C 209 11.76 9.07 23.08
C GLU C 209 12.74 7.94 23.40
N ALA C 210 12.39 6.72 23.00
CA ALA C 210 13.25 5.57 23.26
C ALA C 210 14.63 5.74 22.60
N LEU C 211 14.63 6.09 21.31
CA LEU C 211 15.87 6.29 20.57
C LEU C 211 16.72 7.41 21.15
N ASN C 212 16.07 8.40 21.74
CA ASN C 212 16.80 9.53 22.33
C ASN C 212 17.51 9.08 23.60
N LYS C 213 16.78 8.36 24.45
CA LYS C 213 17.34 7.87 25.69
C LYS C 213 18.50 6.93 25.42
N LEU C 214 18.36 6.07 24.41
CA LEU C 214 19.44 5.14 24.08
C LEU C 214 20.56 5.84 23.32
N LYS C 215 20.24 6.98 22.73
CA LYS C 215 21.19 7.76 21.93
C LYS C 215 21.54 7.02 20.64
N ILE C 216 20.53 6.82 19.81
CA ILE C 216 20.71 6.16 18.52
C ILE C 216 20.11 7.08 17.47
N LYS C 217 20.94 7.53 16.52
CA LYS C 217 20.47 8.41 15.46
C LYS C 217 19.37 7.73 14.65
N ALA C 218 18.35 8.49 14.28
CA ALA C 218 17.25 7.93 13.51
C ALA C 218 16.31 8.99 12.97
N LYS C 219 15.79 8.77 11.78
CA LYS C 219 14.87 9.73 11.22
C LYS C 219 13.46 9.17 11.34
N LEU C 220 12.73 9.61 12.35
CA LEU C 220 11.37 9.14 12.54
C LEU C 220 10.49 9.79 11.47
N PRO C 221 9.34 9.17 11.16
CA PRO C 221 8.41 9.69 10.15
C PRO C 221 7.35 10.65 10.68
N GLY C 222 7.03 11.67 9.89
CA GLY C 222 6.00 12.63 10.29
C GLY C 222 6.43 13.95 10.89
N PHE C 223 7.71 14.04 11.28
CA PHE C 223 8.23 15.26 11.89
C PHE C 223 9.74 15.31 11.82
N PRO D 2 0.05 -3.51 9.76
CA PRO D 2 -0.98 -4.44 9.24
C PRO D 2 -0.32 -5.56 8.47
N GLY D 3 -0.80 -6.78 8.68
CA GLY D 3 -0.23 -7.92 7.98
C GLY D 3 -1.32 -8.44 7.08
N GLY D 4 -1.68 -7.64 6.08
CA GLY D 4 -2.73 -8.02 5.15
C GLY D 4 -2.44 -9.34 4.47
N ARG D 5 -1.17 -9.59 4.23
CA ARG D 5 -0.76 -10.81 3.56
C ARG D 5 -0.73 -11.99 4.53
N GLY D 6 -0.47 -11.69 5.79
CA GLY D 6 -0.42 -12.75 6.78
C GLY D 6 0.20 -12.27 8.08
N ARG D 7 -0.22 -12.87 9.19
CA ARG D 7 0.31 -12.52 10.49
C ARG D 7 0.79 -13.78 11.19
N ILE D 8 2.07 -13.79 11.54
CA ILE D 8 2.65 -14.96 12.21
C ILE D 8 2.94 -14.69 13.68
N GLY D 9 2.31 -15.48 14.54
CA GLY D 9 2.53 -15.30 15.97
C GLY D 9 3.67 -16.20 16.39
N VAL D 10 4.44 -15.78 17.39
CA VAL D 10 5.55 -16.61 17.84
C VAL D 10 5.69 -16.55 19.36
N ILE D 11 5.74 -17.74 19.97
CA ILE D 11 5.91 -17.84 21.42
C ILE D 11 7.38 -18.19 21.64
N LEU D 12 8.11 -17.37 22.39
CA LEU D 12 9.51 -17.64 22.60
C LEU D 12 9.99 -17.37 24.00
N PRO D 13 11.15 -17.93 24.37
CA PRO D 13 11.71 -17.74 25.71
C PRO D 13 12.08 -16.28 25.96
N ALA D 14 11.89 -15.84 27.20
CA ALA D 14 12.19 -14.46 27.59
C ALA D 14 13.49 -13.88 27.07
N ASN D 15 14.57 -14.65 27.20
CA ASN D 15 15.88 -14.18 26.78
C ASN D 15 16.35 -14.51 25.38
N ASN D 16 15.42 -14.84 24.50
CA ASN D 16 15.77 -15.12 23.11
C ASN D 16 15.77 -13.77 22.37
N ALA D 17 16.92 -13.35 21.87
CA ALA D 17 16.99 -12.07 21.18
C ALA D 17 17.32 -12.22 19.70
N GLY D 18 17.39 -13.46 19.21
CA GLY D 18 17.72 -13.66 17.82
C GLY D 18 16.60 -14.07 16.88
N MSE D 19 15.59 -14.78 17.40
CA MSE D 19 14.52 -15.25 16.55
C MSE D 19 13.59 -14.19 15.97
O MSE D 19 13.15 -14.29 14.82
CB MSE D 19 13.70 -16.32 17.27
CG MSE D 19 12.63 -16.92 16.39
SE MSE D 19 11.62 -18.37 17.16
CE MSE D 19 11.62 -19.60 15.67
N GLU D 20 13.26 -13.17 16.76
CA GLU D 20 12.39 -12.11 16.27
C GLU D 20 13.05 -11.40 15.10
N TYR D 21 14.36 -11.15 15.21
CA TYR D 21 15.09 -10.49 14.14
C TYR D 21 15.07 -11.33 12.87
N ASP D 22 15.41 -12.61 13.00
CA ASP D 22 15.43 -13.53 11.85
C ASP D 22 14.07 -13.56 11.18
N LEU D 23 13.04 -13.80 11.97
CA LEU D 23 11.67 -13.87 11.45
C LEU D 23 11.26 -12.64 10.65
N TRP D 24 11.54 -11.44 11.16
CA TRP D 24 11.20 -10.22 10.42
C TRP D 24 12.00 -10.08 9.14
N LYS D 25 13.29 -10.43 9.19
CA LYS D 25 14.12 -10.33 8.01
C LYS D 25 13.58 -11.27 6.91
N MSE D 26 13.02 -12.39 7.33
CA MSE D 26 12.50 -13.37 6.38
C MSE D 26 11.08 -13.09 5.96
O MSE D 26 10.62 -13.57 4.92
CB MSE D 26 12.58 -14.76 7.00
CG MSE D 26 13.98 -15.15 7.44
SE MSE D 26 14.05 -16.92 8.20
CE MSE D 26 13.58 -16.54 10.02
N ALA D 27 10.37 -12.31 6.76
CA ALA D 27 8.99 -11.99 6.46
C ALA D 27 8.84 -11.26 5.14
N PRO D 28 8.08 -11.83 4.20
CA PRO D 28 7.90 -11.16 2.91
C PRO D 28 6.97 -9.96 3.11
N GLU D 29 6.88 -9.10 2.11
CA GLU D 29 6.05 -7.91 2.21
C GLU D 29 4.57 -8.18 2.51
N GLY D 30 4.05 -7.51 3.53
CA GLY D 30 2.64 -7.69 3.87
C GLY D 30 2.48 -8.68 5.00
N VAL D 31 3.59 -9.24 5.45
CA VAL D 31 3.57 -10.20 6.54
C VAL D 31 4.18 -9.54 7.76
N SER D 32 3.59 -9.78 8.92
CA SER D 32 4.11 -9.22 10.16
C SER D 32 4.24 -10.31 11.20
N ILE D 33 5.17 -10.10 12.14
CA ILE D 33 5.45 -11.06 13.21
C ILE D 33 4.97 -10.50 14.55
N HIS D 34 4.30 -11.34 15.32
CA HIS D 34 3.79 -10.92 16.63
C HIS D 34 4.20 -11.94 17.68
N SER D 35 4.90 -11.48 18.71
CA SER D 35 5.39 -12.39 19.72
C SER D 35 4.98 -12.10 21.16
N THR D 36 5.14 -13.13 21.99
CA THR D 36 4.86 -13.03 23.41
C THR D 36 5.87 -13.99 24.06
N ARG D 37 6.33 -13.63 25.25
CA ARG D 37 7.33 -14.44 25.93
C ARG D 37 6.84 -15.33 27.05
N MSE D 38 7.66 -16.32 27.37
CA MSE D 38 7.36 -17.26 28.45
C MSE D 38 8.48 -17.30 29.46
O MSE D 38 9.66 -17.15 29.11
CB MSE D 38 7.10 -18.66 27.89
CG MSE D 38 5.79 -18.79 27.15
SE MSE D 38 5.28 -20.62 26.82
CE MSE D 38 4.14 -20.89 28.36
N LYS D 39 8.10 -17.50 30.71
CA LYS D 39 9.02 -17.58 31.83
C LYS D 39 10.19 -18.50 31.52
N PRO D 40 11.43 -18.04 31.78
CA PRO D 40 12.60 -18.90 31.51
C PRO D 40 12.55 -20.09 32.47
N THR D 41 12.87 -21.28 31.95
CA THR D 41 12.81 -22.48 32.78
C THR D 41 14.12 -23.18 33.09
N LYS D 42 14.12 -23.92 34.20
CA LYS D 42 15.30 -24.65 34.66
C LYS D 42 15.71 -25.76 33.69
N GLY D 43 14.89 -26.80 33.60
CA GLY D 43 15.21 -27.92 32.72
C GLY D 43 14.93 -27.66 31.25
N CYS D 44 14.93 -28.73 30.47
CA CYS D 44 14.66 -28.64 29.04
C CYS D 44 13.35 -29.38 28.77
N GLU D 45 12.69 -29.81 29.84
CA GLU D 45 11.42 -30.53 29.76
C GLU D 45 10.59 -30.20 31.00
N PRO D 46 9.30 -29.87 30.83
CA PRO D 46 8.43 -29.53 31.95
C PRO D 46 8.25 -30.63 32.98
N GLU D 47 8.45 -30.31 34.26
CA GLU D 47 8.30 -31.30 35.33
C GLU D 47 6.88 -31.38 35.83
N ASN D 48 6.12 -30.32 35.59
CA ASN D 48 4.71 -30.29 35.95
C ASN D 48 3.97 -30.08 34.63
N VAL D 49 3.41 -31.14 34.07
CA VAL D 49 2.70 -31.04 32.79
C VAL D 49 1.49 -30.11 32.81
N GLU D 50 0.66 -30.21 33.84
CA GLU D 50 -0.51 -29.36 33.92
C GLU D 50 -0.09 -27.89 34.03
N GLU D 51 1.01 -27.66 34.74
CA GLU D 51 1.56 -26.31 34.90
C GLU D 51 1.94 -25.76 33.54
N PHE D 52 2.72 -26.56 32.80
CA PHE D 52 3.17 -26.21 31.47
C PHE D 52 1.96 -25.92 30.59
N GLU D 53 1.07 -26.89 30.45
CA GLU D 53 -0.11 -26.73 29.63
C GLU D 53 -0.94 -25.49 29.98
N LYS D 54 -1.00 -25.15 31.26
CA LYS D 54 -1.77 -23.98 31.66
C LYS D 54 -1.10 -22.70 31.18
N GLU D 55 0.22 -22.62 31.35
CA GLU D 55 0.97 -21.45 30.93
C GLU D 55 1.00 -21.37 29.41
N LEU D 56 1.08 -22.54 28.77
CA LEU D 56 1.11 -22.58 27.32
C LEU D 56 -0.21 -22.06 26.76
N LYS D 57 -1.31 -22.50 27.35
CA LYS D 57 -2.62 -22.08 26.88
C LYS D 57 -2.78 -20.57 27.05
N TYR D 58 -2.23 -20.04 28.15
CA TYR D 58 -2.33 -18.60 28.43
C TYR D 58 -1.60 -17.79 27.37
N SER D 59 -0.33 -18.11 27.12
CA SER D 59 0.43 -17.38 26.12
C SER D 59 -0.27 -17.49 24.77
N TYR D 60 -0.76 -18.68 24.46
CA TYR D 60 -1.45 -18.91 23.21
C TYR D 60 -2.65 -17.97 23.11
N SER D 61 -3.36 -17.80 24.22
CA SER D 61 -4.54 -16.94 24.21
C SER D 61 -4.18 -15.49 23.94
N LEU D 62 -2.93 -15.12 24.17
CA LEU D 62 -2.50 -13.75 23.92
C LEU D 62 -2.16 -13.51 22.45
N LEU D 63 -1.97 -14.60 21.70
CA LEU D 63 -1.60 -14.52 20.30
C LEU D 63 -2.69 -15.02 19.34
N ALA D 64 -3.63 -15.79 19.89
CA ALA D 64 -4.71 -16.39 19.11
C ALA D 64 -5.47 -15.51 18.13
N GLU D 65 -5.81 -14.30 18.55
CA GLU D 65 -6.56 -13.42 17.68
C GLU D 65 -5.70 -12.76 16.58
N VAL D 66 -4.52 -12.22 16.93
CA VAL D 66 -3.70 -11.55 15.92
C VAL D 66 -2.94 -12.48 14.97
N SER D 67 -2.93 -13.77 15.30
CA SER D 67 -2.19 -14.73 14.49
C SER D 67 -2.97 -15.54 13.47
N ASP D 68 -2.34 -15.79 12.34
CA ASP D 68 -2.92 -16.61 11.30
C ASP D 68 -2.39 -18.02 11.53
N ILE D 69 -1.22 -18.08 12.16
CA ILE D 69 -0.56 -19.34 12.52
C ILE D 69 0.41 -18.99 13.63
N ILE D 70 0.77 -19.97 14.45
CA ILE D 70 1.69 -19.72 15.56
C ILE D 70 2.89 -20.64 15.56
N ILE D 71 4.05 -20.07 15.86
CA ILE D 71 5.30 -20.81 15.92
C ILE D 71 5.71 -20.94 17.39
N TYR D 72 5.99 -22.16 17.82
CA TYR D 72 6.45 -22.39 19.19
C TYR D 72 7.97 -22.31 19.12
N GLY D 73 8.52 -21.14 19.42
CA GLY D 73 9.95 -20.97 19.32
C GLY D 73 10.83 -21.37 20.49
N ARG D 74 10.53 -22.51 21.09
CA ARG D 74 11.34 -23.00 22.21
C ARG D 74 11.68 -24.44 21.93
N THR D 75 12.64 -24.97 22.69
CA THR D 75 13.02 -26.38 22.53
C THR D 75 12.40 -27.08 23.72
N TYR D 76 12.15 -26.29 24.75
CA TYR D 76 11.55 -26.75 25.99
C TYR D 76 10.22 -27.45 25.75
N GLY D 77 10.12 -28.70 26.18
CA GLY D 77 8.90 -29.47 26.04
C GLY D 77 8.64 -30.06 24.67
N THR D 78 9.52 -29.83 23.72
CA THR D 78 9.33 -30.34 22.37
C THR D 78 9.76 -31.79 22.17
N HIS D 79 10.73 -32.24 22.96
CA HIS D 79 11.23 -33.61 22.84
C HIS D 79 10.29 -34.67 23.44
N LYS D 80 9.78 -34.42 24.64
CA LYS D 80 8.89 -35.40 25.28
C LYS D 80 7.42 -34.98 25.40
N HIS D 81 7.11 -33.71 25.20
CA HIS D 81 5.73 -33.27 25.31
C HIS D 81 5.16 -32.53 24.11
N ALA D 82 5.70 -32.81 22.93
CA ALA D 82 5.23 -32.19 21.71
C ALA D 82 3.72 -32.32 21.58
N HIS D 83 3.19 -33.47 21.99
CA HIS D 83 1.75 -33.73 21.90
C HIS D 83 0.92 -32.75 22.73
N VAL D 84 1.49 -32.28 23.84
CA VAL D 84 0.79 -31.32 24.70
C VAL D 84 0.66 -29.99 23.95
N ILE D 85 1.76 -29.58 23.32
CA ILE D 85 1.82 -28.35 22.57
C ILE D 85 0.83 -28.38 21.40
N LYS D 86 0.86 -29.47 20.63
CA LYS D 86 -0.02 -29.63 19.48
C LYS D 86 -1.48 -29.60 19.95
N ARG D 87 -1.71 -30.14 21.13
CA ARG D 87 -3.04 -30.19 21.72
C ARG D 87 -3.59 -28.80 22.02
N VAL D 88 -2.77 -27.98 22.69
CA VAL D 88 -3.17 -26.63 23.06
C VAL D 88 -3.22 -25.69 21.86
N ILE D 89 -2.21 -25.78 21.00
CA ILE D 89 -2.13 -24.91 19.82
C ILE D 89 -2.35 -25.63 18.50
N LYS D 90 -3.55 -25.51 17.97
CA LYS D 90 -3.90 -26.16 16.71
C LYS D 90 -3.04 -25.63 15.56
N ASP D 91 -2.47 -26.54 14.80
CA ASP D 91 -1.62 -26.19 13.66
C ASP D 91 -0.33 -25.48 14.03
N VAL D 92 0.06 -25.57 15.30
CA VAL D 92 1.28 -24.95 15.77
C VAL D 92 2.49 -25.43 14.96
N VAL D 93 3.46 -24.55 14.76
CA VAL D 93 4.67 -24.91 14.04
C VAL D 93 5.79 -25.12 15.06
N ILE D 94 6.33 -26.33 15.09
CA ILE D 94 7.43 -26.63 16.01
C ILE D 94 8.69 -26.66 15.16
N PRO D 95 9.52 -25.61 15.26
CA PRO D 95 10.75 -25.52 14.49
C PRO D 95 11.55 -26.81 14.31
N GLU D 96 11.73 -27.55 15.40
CA GLU D 96 12.48 -28.81 15.34
C GLU D 96 11.87 -29.79 14.34
N GLU D 97 10.55 -29.88 14.34
CA GLU D 97 9.85 -30.77 13.42
C GLU D 97 9.91 -30.22 12.01
N SER D 98 10.00 -28.89 11.88
CA SER D 98 10.07 -28.26 10.58
C SER D 98 11.39 -28.64 9.93
N VAL D 99 12.45 -28.64 10.74
CA VAL D 99 13.78 -28.99 10.27
C VAL D 99 13.75 -30.40 9.69
N TYR D 100 13.11 -31.30 10.42
CA TYR D 100 13.01 -32.68 9.98
C TYR D 100 12.32 -32.80 8.62
N GLU D 101 11.18 -32.16 8.48
CA GLU D 101 10.44 -32.23 7.21
C GLU D 101 11.24 -31.60 6.08
N LEU D 102 11.89 -30.48 6.36
CA LEU D 102 12.69 -29.80 5.35
C LEU D 102 13.86 -30.66 4.89
N LEU D 103 14.58 -31.24 5.86
CA LEU D 103 15.72 -32.10 5.53
C LEU D 103 15.27 -33.30 4.71
N LYS D 104 14.13 -33.87 5.11
CA LYS D 104 13.58 -35.02 4.40
C LYS D 104 13.22 -34.61 2.99
N LYS D 105 12.51 -33.49 2.85
CA LYS D 105 12.12 -33.03 1.54
C LYS D 105 13.36 -32.76 0.68
N LEU D 106 14.49 -32.49 1.34
CA LEU D 106 15.74 -32.23 0.62
C LEU D 106 16.56 -33.49 0.40
N ASN D 107 15.96 -34.66 0.69
CA ASN D 107 16.64 -35.95 0.53
C ASN D 107 17.97 -35.95 1.25
N VAL D 108 17.96 -35.60 2.53
CA VAL D 108 19.20 -35.55 3.30
C VAL D 108 19.41 -36.82 4.14
N ARG D 109 20.54 -37.47 3.93
CA ARG D 109 20.88 -38.67 4.72
C ARG D 109 22.06 -38.40 5.63
N LYS D 110 23.10 -37.75 5.10
CA LYS D 110 24.28 -37.42 5.90
C LYS D 110 24.15 -35.98 6.39
N LEU D 111 24.36 -35.78 7.69
CA LEU D 111 24.20 -34.46 8.28
C LEU D 111 25.33 -33.99 9.19
N TRP D 112 25.64 -32.69 9.12
CA TRP D 112 26.67 -32.11 9.99
C TRP D 112 25.87 -31.16 10.88
N ILE D 113 26.08 -31.25 12.18
CA ILE D 113 25.33 -30.42 13.12
C ILE D 113 26.12 -29.40 13.91
N GLY D 114 25.70 -28.13 13.81
CA GLY D 114 26.34 -27.06 14.55
C GLY D 114 25.38 -26.59 15.63
N THR D 115 25.89 -26.32 16.84
CA THR D 115 25.02 -25.85 17.92
C THR D 115 25.72 -24.77 18.73
N PRO D 116 24.98 -24.09 19.62
CA PRO D 116 25.61 -23.05 20.43
C PRO D 116 25.92 -23.59 21.83
N TYR D 117 25.48 -24.82 22.07
CA TYR D 117 25.64 -25.49 23.38
C TYR D 117 27.04 -26.01 23.73
N ILE D 118 27.14 -26.54 24.95
CA ILE D 118 28.38 -27.12 25.45
C ILE D 118 28.40 -28.57 25.00
N LYS D 119 29.57 -29.20 25.05
CA LYS D 119 29.75 -30.57 24.62
C LYS D 119 28.67 -31.58 25.01
N GLU D 120 28.31 -31.62 26.29
CA GLU D 120 27.31 -32.56 26.78
C GLU D 120 25.95 -32.38 26.11
N ARG D 121 25.49 -31.14 25.99
CA ARG D 121 24.20 -30.93 25.36
C ARG D 121 24.31 -31.11 23.85
N THR D 122 25.49 -30.84 23.31
CA THR D 122 25.68 -30.99 21.87
C THR D 122 25.58 -32.48 21.54
N LEU D 123 26.03 -33.32 22.47
CA LEU D 123 25.99 -34.75 22.26
C LEU D 123 24.55 -35.24 22.19
N GLU D 124 23.72 -34.73 23.10
CA GLU D 124 22.33 -35.12 23.14
C GLU D 124 21.67 -34.72 21.83
N GLU D 125 21.92 -33.48 21.42
CA GLU D 125 21.37 -32.94 20.19
C GLU D 125 21.79 -33.83 19.02
N VAL D 126 23.06 -34.22 18.99
CA VAL D 126 23.57 -35.07 17.91
C VAL D 126 22.95 -36.47 17.96
N GLU D 127 22.82 -37.01 19.16
CA GLU D 127 22.23 -38.34 19.28
C GLU D 127 20.76 -38.30 18.85
N TRP D 128 20.06 -37.24 19.25
CA TRP D 128 18.65 -37.06 18.91
C TRP D 128 18.37 -37.16 17.42
N TRP D 129 19.19 -36.51 16.62
CA TRP D 129 18.98 -36.54 15.18
C TRP D 129 19.45 -37.83 14.53
N ARG D 130 20.31 -38.56 15.22
CA ARG D 130 20.77 -39.83 14.68
C ARG D 130 19.59 -40.79 14.83
N ASN D 131 19.01 -40.79 16.02
CA ASN D 131 17.86 -41.64 16.31
C ASN D 131 16.63 -41.20 15.51
N LYS D 132 16.89 -40.40 14.47
CA LYS D 132 15.83 -39.93 13.59
C LYS D 132 16.15 -40.40 12.18
N GLY D 133 17.22 -41.18 12.05
CA GLY D 133 17.57 -41.72 10.75
C GLY D 133 18.67 -41.02 9.98
N PHE D 134 19.37 -40.08 10.62
CA PHE D 134 20.45 -39.37 9.92
C PHE D 134 21.82 -39.87 10.30
N GLU D 135 22.72 -39.91 9.33
CA GLU D 135 24.09 -40.29 9.61
C GLU D 135 24.77 -38.98 9.93
N ILE D 136 25.30 -38.86 11.14
CA ILE D 136 25.94 -37.63 11.54
C ILE D 136 27.44 -37.63 11.34
N VAL D 137 27.85 -37.13 10.18
CA VAL D 137 29.25 -37.06 9.79
C VAL D 137 30.14 -36.13 10.63
N GLY D 138 29.54 -35.36 11.54
CA GLY D 138 30.32 -34.46 12.36
C GLY D 138 29.52 -33.40 13.08
N TYR D 139 30.12 -32.76 14.08
CA TYR D 139 29.41 -31.74 14.83
C TYR D 139 30.35 -30.91 15.71
N ASP D 140 29.81 -29.83 16.27
CA ASP D 140 30.56 -28.93 17.16
C ASP D 140 29.58 -27.93 17.76
N GLY D 141 30.00 -27.29 18.85
CA GLY D 141 29.13 -26.32 19.49
C GLY D 141 29.91 -25.10 19.95
N LEU D 142 29.21 -24.00 20.25
CA LEU D 142 29.85 -22.77 20.69
C LEU D 142 30.13 -22.82 22.18
N GLY D 143 29.57 -23.83 22.85
CA GLY D 143 29.79 -23.98 24.27
C GLY D 143 29.25 -22.84 25.12
N LYS D 144 28.03 -22.42 24.85
CA LYS D 144 27.40 -21.35 25.61
C LYS D 144 26.26 -21.93 26.43
N ILE D 145 25.81 -21.17 27.43
CA ILE D 145 24.73 -21.64 28.29
C ILE D 145 23.55 -20.68 28.35
N ARG D 146 23.84 -19.40 28.58
CA ARG D 146 22.80 -18.38 28.68
C ARG D 146 22.27 -17.97 27.32
N GLY D 147 20.95 -17.93 27.21
CA GLY D 147 20.31 -17.56 25.95
C GLY D 147 20.72 -16.20 25.40
N ILE D 148 20.84 -15.21 26.28
CA ILE D 148 21.22 -13.89 25.83
C ILE D 148 22.61 -13.95 25.21
N ASP D 149 23.48 -14.77 25.78
CA ASP D 149 24.85 -14.94 25.30
C ASP D 149 24.78 -15.60 23.91
N ILE D 150 23.92 -16.59 23.79
CA ILE D 150 23.73 -17.30 22.53
C ILE D 150 23.24 -16.32 21.46
N SER D 151 22.26 -15.50 21.82
CA SER D 151 21.69 -14.51 20.89
C SER D 151 22.74 -13.53 20.40
N ASN D 152 23.70 -13.21 21.26
CA ASN D 152 24.74 -12.25 20.90
C ASN D 152 25.77 -12.78 19.91
N THR D 153 25.67 -14.06 19.53
CA THR D 153 26.64 -14.63 18.60
C THR D 153 26.67 -13.96 17.23
N PRO D 154 27.84 -13.41 16.85
CA PRO D 154 28.09 -12.71 15.58
C PRO D 154 27.93 -13.62 14.37
N ILE D 155 27.51 -13.04 13.26
CA ILE D 155 27.32 -13.76 12.02
C ILE D 155 28.47 -14.70 11.70
N PHE D 156 29.68 -14.17 11.60
CA PHE D 156 30.82 -15.00 11.25
C PHE D 156 31.31 -15.95 12.34
N THR D 157 30.86 -15.77 13.57
CA THR D 157 31.27 -16.69 14.62
C THR D 157 30.48 -17.96 14.33
N ILE D 158 29.25 -17.78 13.87
CA ILE D 158 28.39 -18.91 13.51
C ILE D 158 28.95 -19.52 12.24
N TYR D 159 29.44 -18.66 11.36
CA TYR D 159 30.01 -19.13 10.11
C TYR D 159 31.25 -20.00 10.34
N ARG D 160 32.17 -19.54 11.19
CA ARG D 160 33.39 -20.30 11.44
C ARG D 160 33.12 -21.54 12.27
N LEU D 161 32.04 -21.52 13.05
CA LEU D 161 31.67 -22.67 13.88
C LEU D 161 31.59 -23.91 12.98
N VAL D 162 31.09 -23.69 11.77
CA VAL D 162 30.95 -24.75 10.77
C VAL D 162 32.18 -24.89 9.88
N LYS D 163 32.61 -23.79 9.29
CA LYS D 163 33.75 -23.78 8.37
C LYS D 163 35.02 -24.41 8.94
N ARG D 164 35.20 -24.26 10.24
CA ARG D 164 36.36 -24.81 10.91
C ARG D 164 36.47 -26.34 10.74
N HIS D 165 35.35 -26.97 10.37
CA HIS D 165 35.34 -28.41 10.18
C HIS D 165 35.04 -28.76 8.73
N LEU D 166 35.51 -27.90 7.82
CA LEU D 166 35.29 -28.07 6.38
C LEU D 166 35.36 -29.53 5.91
N ASN D 167 36.45 -30.22 6.27
CA ASN D 167 36.63 -31.61 5.85
C ASN D 167 35.48 -32.55 6.23
N GLU D 168 34.95 -32.42 7.45
CA GLU D 168 33.84 -33.26 7.86
C GLU D 168 32.59 -32.81 7.11
N VAL D 169 32.33 -31.50 7.18
CA VAL D 169 31.18 -30.88 6.55
C VAL D 169 30.95 -31.26 5.10
N LEU D 170 32.01 -31.21 4.29
CA LEU D 170 31.88 -31.55 2.88
C LEU D 170 31.46 -33.01 2.66
N LYS D 171 31.35 -33.77 3.75
CA LYS D 171 30.92 -35.17 3.64
C LYS D 171 29.43 -35.29 3.86
N ALA D 172 28.79 -34.22 4.34
CA ALA D 172 27.36 -34.23 4.61
C ALA D 172 26.53 -33.82 3.40
N ASP D 173 25.22 -34.05 3.49
CA ASP D 173 24.30 -33.67 2.41
C ASP D 173 23.76 -32.30 2.73
N ALA D 174 23.90 -31.91 4.00
CA ALA D 174 23.41 -30.62 4.46
C ALA D 174 23.93 -30.36 5.87
N VAL D 175 23.85 -29.10 6.27
CA VAL D 175 24.28 -28.69 7.60
C VAL D 175 23.04 -28.19 8.36
N TYR D 176 23.00 -28.45 9.65
CA TYR D 176 21.89 -28.01 10.48
C TYR D 176 22.42 -27.23 11.66
N ILE D 177 21.90 -26.02 11.87
CA ILE D 177 22.34 -25.18 12.98
C ILE D 177 21.18 -25.06 13.98
N ALA D 178 21.33 -25.71 15.13
CA ALA D 178 20.31 -25.71 16.16
C ALA D 178 20.16 -24.45 17.01
N CYS D 179 18.98 -24.34 17.63
CA CYS D 179 18.60 -23.23 18.52
C CYS D 179 18.08 -21.99 17.81
N THR D 180 16.90 -21.56 18.22
CA THR D 180 16.26 -20.39 17.64
C THR D 180 16.78 -19.08 18.23
N ALA D 181 17.65 -19.17 19.24
CA ALA D 181 18.22 -17.97 19.85
C ALA D 181 19.31 -17.37 18.95
N LEU D 182 19.86 -18.19 18.06
CA LEU D 182 20.90 -17.74 17.14
C LEU D 182 20.26 -17.03 15.96
N SER D 183 20.79 -15.87 15.61
CA SER D 183 20.29 -15.13 14.47
C SER D 183 21.12 -15.66 13.32
N THR D 184 20.52 -16.53 12.52
CA THR D 184 21.21 -17.16 11.39
C THR D 184 20.86 -16.62 10.01
N TYR D 185 20.03 -15.60 9.93
CA TYR D 185 19.63 -15.04 8.64
C TYR D 185 20.78 -14.84 7.65
N GLU D 186 21.87 -14.23 8.09
CA GLU D 186 23.00 -13.99 7.20
C GLU D 186 23.96 -15.17 7.15
N ALA D 187 24.42 -15.62 8.32
CA ALA D 187 25.36 -16.73 8.41
C ALA D 187 24.99 -17.88 7.48
N VAL D 188 23.75 -18.30 7.56
CA VAL D 188 23.26 -19.40 6.74
C VAL D 188 23.39 -19.16 5.22
N GLN D 189 23.29 -17.91 4.78
CA GLN D 189 23.42 -17.58 3.35
C GLN D 189 24.86 -17.73 2.90
N TYR D 190 25.79 -17.22 3.71
CA TYR D 190 27.20 -17.33 3.39
C TYR D 190 27.58 -18.82 3.34
N LEU D 191 27.22 -19.56 4.37
CA LEU D 191 27.55 -20.97 4.40
C LEU D 191 26.97 -21.69 3.17
N HIS D 192 25.69 -21.45 2.88
CA HIS D 192 25.05 -22.10 1.75
C HIS D 192 25.78 -21.84 0.44
N GLU D 193 26.19 -20.59 0.22
CA GLU D 193 26.90 -20.26 -1.00
C GLU D 193 28.25 -20.94 -1.07
N ASP D 194 28.99 -20.84 0.03
CA ASP D 194 30.33 -21.41 0.10
C ASP D 194 30.43 -22.93 0.09
N LEU D 195 29.57 -23.59 0.85
CA LEU D 195 29.59 -25.04 0.93
C LEU D 195 28.83 -25.71 -0.20
N ASP D 196 28.03 -24.93 -0.93
CA ASP D 196 27.24 -25.47 -2.04
C ASP D 196 26.36 -26.65 -1.61
N MSE D 197 25.62 -26.47 -0.52
CA MSE D 197 24.73 -27.50 -0.01
C MSE D 197 23.73 -26.79 0.90
O MSE D 197 24.02 -25.69 1.39
CB MSE D 197 25.50 -28.55 0.78
CG MSE D 197 26.21 -28.02 2.02
SE MSE D 197 26.93 -29.40 3.18
CE MSE D 197 28.59 -29.71 2.24
N PRO D 198 22.57 -27.39 1.13
CA PRO D 198 21.62 -26.70 2.00
C PRO D 198 22.14 -26.55 3.42
N VAL D 199 22.00 -25.35 3.97
CA VAL D 199 22.41 -25.07 5.33
C VAL D 199 21.12 -24.63 6.01
N VAL D 200 20.58 -25.52 6.83
CA VAL D 200 19.31 -25.27 7.51
C VAL D 200 19.39 -24.82 8.97
N SER D 201 18.88 -23.62 9.26
CA SER D 201 18.87 -23.13 10.62
C SER D 201 17.48 -23.38 11.14
N GLU D 202 17.35 -23.46 12.46
CA GLU D 202 16.05 -23.72 13.05
C GLU D 202 15.05 -22.61 12.73
N ASN D 203 15.49 -21.36 12.73
CA ASN D 203 14.56 -20.27 12.42
C ASN D 203 14.09 -20.30 10.97
N ALA D 204 14.99 -20.56 10.03
CA ALA D 204 14.62 -20.62 8.62
C ALA D 204 13.64 -21.76 8.38
N ALA D 205 13.88 -22.90 9.01
CA ALA D 205 13.01 -24.06 8.87
C ALA D 205 11.61 -23.71 9.38
N ALA D 206 11.56 -23.03 10.53
CA ALA D 206 10.28 -22.65 11.11
C ALA D 206 9.49 -21.74 10.14
N MSE D 207 10.14 -20.74 9.56
CA MSE D 207 9.47 -19.84 8.62
C MSE D 207 9.03 -20.59 7.38
O MSE D 207 7.95 -20.33 6.82
CB MSE D 207 10.39 -18.69 8.22
CG MSE D 207 10.13 -17.44 9.01
SE MSE D 207 8.32 -16.76 8.75
CE MSE D 207 8.77 -15.22 7.63
N TRP D 208 9.86 -21.53 6.94
CA TRP D 208 9.56 -22.33 5.77
C TRP D 208 8.20 -23.02 5.96
N GLU D 209 8.06 -23.71 7.08
CA GLU D 209 6.82 -24.42 7.37
C GLU D 209 5.63 -23.48 7.52
N ALA D 210 5.81 -22.40 8.29
CA ALA D 210 4.74 -21.44 8.51
C ALA D 210 4.25 -20.83 7.20
N LEU D 211 5.20 -20.35 6.39
CA LEU D 211 4.88 -19.72 5.11
C LEU D 211 4.21 -20.70 4.16
N ASN D 212 4.52 -21.98 4.27
CA ASN D 212 3.92 -23.00 3.43
C ASN D 212 2.47 -23.21 3.81
N LYS D 213 2.21 -23.34 5.11
CA LYS D 213 0.86 -23.55 5.59
C LYS D 213 -0.02 -22.37 5.26
N LEU D 214 0.52 -21.16 5.38
CA LEU D 214 -0.27 -19.96 5.06
C LEU D 214 -0.36 -19.74 3.56
N LYS D 215 0.56 -20.34 2.82
CA LYS D 215 0.63 -20.22 1.36
C LYS D 215 1.05 -18.81 0.94
N ILE D 216 2.26 -18.44 1.37
CA ILE D 216 2.82 -17.14 1.04
C ILE D 216 4.18 -17.38 0.40
N LYS D 217 4.34 -16.96 -0.86
CA LYS D 217 5.62 -17.14 -1.56
C LYS D 217 6.73 -16.44 -0.80
N ALA D 218 7.90 -17.08 -0.73
CA ALA D 218 9.02 -16.47 -0.03
C ALA D 218 10.32 -17.23 -0.28
N LYS D 219 11.43 -16.49 -0.27
CA LYS D 219 12.73 -17.12 -0.44
C LYS D 219 13.48 -17.13 0.89
N LEU D 220 13.50 -18.27 1.55
CA LEU D 220 14.21 -18.36 2.81
C LEU D 220 15.70 -18.50 2.50
N PRO D 221 16.56 -18.40 3.52
CA PRO D 221 18.00 -18.51 3.25
C PRO D 221 18.62 -19.86 3.64
N GLY D 222 19.74 -20.19 3.01
CA GLY D 222 20.42 -21.44 3.33
C GLY D 222 20.06 -22.64 2.49
N PHE D 223 18.86 -22.65 1.94
CA PHE D 223 18.44 -23.79 1.13
C PHE D 223 17.60 -23.35 -0.05
C1 GOL E . 1.87 5.97 -13.44
O1 GOL E . 0.76 5.68 -12.61
C2 GOL E . 1.41 6.08 -14.89
O2 GOL E . 0.31 6.98 -14.96
C3 GOL E . 2.56 6.57 -15.77
O3 GOL E . 2.17 7.74 -16.48
C1 GOL F . 13.04 -6.06 9.99
O1 GOL F . 14.30 -6.46 9.43
C2 GOL F . 12.24 -5.30 8.94
O2 GOL F . 12.08 -6.09 7.76
C3 GOL F . 10.88 -4.93 9.51
O3 GOL F . 10.16 -4.10 8.59
#